data_5BRD
#
_entry.id   5BRD
#
_cell.length_a   68.567
_cell.length_b   78.837
_cell.length_c   76.605
_cell.angle_alpha   90.000
_cell.angle_beta   94.500
_cell.angle_gamma   90.000
#
_symmetry.space_group_name_H-M   'P 1 21 1'
#
loop_
_entity.id
_entity.type
_entity.pdbx_description
1 polymer 'Glucokinase 1, putative'
2 non-polymer 2-(benzoylamino)-2-deoxy-beta-D-glucopyranose
3 water water
#
_entity_poly.entity_id   1
_entity_poly.type   'polypeptide(L)'
_entity_poly.pdbx_seq_one_letter_code
;MGRGSHHHHHHGMAMNIKELSLHELCEELKTPAWNVPLTFVGDVGGTSARMGFVREGKNDSVHACVTRYSMKRKDITELI
EFFNEIIELMPASVIKRVKAGVINVPGPVTGGAVGGPFNNLKGIARLSDYPKALFPPGRSAILNDLEAGGFGVLAVSDAH
VFSEYFGVMWEGTQWRTCEQEPAGSVIGRGRCLVLAPGTGLGSSLIYYNPMNQQHIVVPLELGSQTIPMRKDIDYIQTLH
AELKLLPNYENMVSGAGLEFHYRQVVRGSRPPCSAGEIAKLASEGDANACKAMKKYHEYLMRVGSEASMALLPLTIVLVG
DNIVNNAFFYRNPQNLKEMHREALNHEMERFGFQSRVTYLRQKKLLNLNLMGCYRCGLDLS
;
_entity_poly.pdbx_strand_id   A,B
#
loop_
_chem_comp.id
_chem_comp.type
_chem_comp.name
_chem_comp.formula
BG8 D-saccharide, beta linking 2-(benzoylamino)-2-deoxy-beta-D-glucopyranose 'C13 H17 N O6'
#
# COMPACT_ATOMS: atom_id res chain seq x y z
N MET A 15 19.71 -22.14 -5.16
CA MET A 15 19.87 -20.76 -4.71
C MET A 15 21.33 -20.27 -4.76
N ASN A 16 21.81 -19.88 -5.95
CA ASN A 16 23.19 -19.42 -6.08
C ASN A 16 23.59 -18.59 -7.32
N ILE A 17 24.45 -17.60 -7.10
CA ILE A 17 24.92 -16.68 -8.12
C ILE A 17 26.44 -16.72 -8.14
N LYS A 18 27.04 -16.54 -9.31
CA LYS A 18 28.49 -16.42 -9.36
C LYS A 18 28.94 -15.18 -10.15
N GLU A 19 29.67 -14.31 -9.47
CA GLU A 19 30.13 -13.05 -10.06
C GLU A 19 31.33 -13.34 -10.94
N LEU A 20 31.23 -12.96 -12.21
CA LEU A 20 32.27 -13.26 -13.17
C LEU A 20 32.70 -12.00 -13.90
N SER A 21 33.88 -12.04 -14.49
CA SER A 21 34.28 -11.00 -15.42
C SER A 21 33.50 -11.26 -16.70
N LEU A 22 33.38 -10.22 -17.53
CA LEU A 22 32.57 -10.28 -18.74
C LEU A 22 32.94 -11.45 -19.66
N HIS A 23 34.23 -11.80 -19.67
CA HIS A 23 34.70 -12.84 -20.59
C HIS A 23 34.47 -14.24 -20.03
N GLU A 24 34.78 -14.46 -18.75
CA GLU A 24 34.55 -15.77 -18.14
C GLU A 24 33.06 -16.06 -18.07
N LEU A 25 32.27 -14.99 -18.01
CA LEU A 25 30.82 -15.09 -18.15
C LEU A 25 30.48 -15.72 -19.49
N CYS A 26 31.12 -15.22 -20.53
CA CYS A 26 30.90 -15.72 -21.88
C CYS A 26 31.35 -17.17 -21.97
N GLU A 27 32.42 -17.47 -21.24
CA GLU A 27 32.98 -18.81 -21.23
C GLU A 27 31.99 -19.82 -20.63
N GLU A 28 31.51 -19.52 -19.43
CA GLU A 28 30.63 -20.43 -18.69
C GLU A 28 29.34 -20.72 -19.46
N LEU A 29 28.88 -19.74 -20.23
CA LEU A 29 27.58 -19.83 -20.88
C LEU A 29 27.50 -20.77 -22.07
N LYS A 30 28.60 -21.47 -22.36
CA LYS A 30 28.64 -22.39 -23.50
C LYS A 30 28.70 -23.86 -23.06
N THR A 31 28.80 -24.06 -21.75
CA THR A 31 28.92 -25.40 -21.15
C THR A 31 27.59 -26.19 -21.19
N PRO A 32 27.63 -27.51 -20.91
CA PRO A 32 26.40 -28.35 -20.94
C PRO A 32 25.21 -27.86 -20.10
N ALA A 33 25.46 -27.52 -18.83
CA ALA A 33 24.40 -27.05 -17.93
C ALA A 33 23.65 -25.81 -18.44
N TRP A 34 24.27 -25.04 -19.33
CA TRP A 34 23.67 -23.81 -19.84
C TRP A 34 23.06 -23.95 -21.23
N ASN A 35 22.77 -25.19 -21.62
CA ASN A 35 22.06 -25.49 -22.85
C ASN A 35 20.55 -25.58 -22.59
N VAL A 36 20.07 -24.67 -21.75
CA VAL A 36 18.71 -24.67 -21.24
C VAL A 36 18.09 -23.29 -21.50
N PRO A 37 16.77 -23.12 -21.31
CA PRO A 37 16.21 -21.77 -21.51
C PRO A 37 16.79 -20.80 -20.47
N LEU A 38 16.98 -19.53 -20.85
CA LEU A 38 17.66 -18.56 -20.00
C LEU A 38 16.90 -17.25 -19.82
N THR A 39 17.05 -16.64 -18.64
CA THR A 39 16.47 -15.32 -18.40
C THR A 39 17.58 -14.31 -18.21
N PHE A 40 17.48 -13.19 -18.94
CA PHE A 40 18.39 -12.07 -18.71
C PHE A 40 17.96 -11.24 -17.50
N VAL A 41 18.90 -10.98 -16.60
CA VAL A 41 18.61 -10.20 -15.41
C VAL A 41 19.64 -9.08 -15.23
N GLY A 42 19.20 -7.98 -14.63
CA GLY A 42 20.10 -6.90 -14.28
C GLY A 42 19.70 -6.30 -12.94
N ASP A 43 20.63 -6.30 -11.99
CA ASP A 43 20.44 -5.56 -10.75
C ASP A 43 21.18 -4.23 -10.86
N VAL A 44 20.48 -3.17 -11.24
CA VAL A 44 21.14 -1.89 -11.46
C VAL A 44 21.02 -0.95 -10.27
N GLY A 45 22.17 -0.45 -9.81
CA GLY A 45 22.21 0.50 -8.70
C GLY A 45 22.78 1.85 -9.09
N GLY A 46 22.79 2.77 -8.12
CA GLY A 46 23.41 4.06 -8.31
C GLY A 46 24.92 4.02 -8.47
N THR A 47 25.53 2.92 -8.04
CA THR A 47 26.99 2.77 -8.12
C THR A 47 27.40 1.74 -9.16
N SER A 48 26.78 0.57 -9.11
CA SER A 48 27.12 -0.49 -10.06
C SER A 48 25.88 -1.13 -10.70
N ALA A 49 26.12 -1.90 -11.77
CA ALA A 49 25.11 -2.75 -12.39
C ALA A 49 25.60 -4.19 -12.39
N ARG A 50 24.69 -5.15 -12.21
CA ARG A 50 25.05 -6.56 -12.26
C ARG A 50 24.14 -7.27 -13.23
N MET A 51 24.70 -7.66 -14.38
CA MET A 51 23.90 -8.26 -15.41
C MET A 51 24.45 -9.63 -15.79
N GLY A 52 23.55 -10.51 -16.22
CA GLY A 52 23.88 -11.89 -16.54
C GLY A 52 22.66 -12.75 -16.84
N PHE A 53 22.77 -14.06 -16.58
CA PHE A 53 21.71 -15.00 -16.96
C PHE A 53 21.35 -15.98 -15.84
N VAL A 54 20.11 -16.50 -15.89
CA VAL A 54 19.62 -17.42 -14.87
C VAL A 54 18.95 -18.62 -15.53
N ARG A 55 19.05 -19.77 -14.86
CA ARG A 55 18.49 -21.04 -15.34
C ARG A 55 18.13 -21.95 -14.16
N GLU A 56 17.54 -23.10 -14.45
CA GLU A 56 17.37 -24.14 -13.44
C GLU A 56 17.99 -25.46 -13.91
N GLY A 57 18.42 -26.29 -12.95
CA GLY A 57 18.82 -27.66 -13.24
C GLY A 57 17.73 -28.66 -12.86
N LYS A 58 17.92 -29.31 -11.72
CA LYS A 58 16.88 -30.15 -11.11
C LYS A 58 16.85 -29.81 -9.62
N ASN A 59 15.90 -30.39 -8.90
CA ASN A 59 15.82 -30.24 -7.45
C ASN A 59 15.58 -28.78 -7.00
N ASP A 60 14.73 -28.06 -7.74
CA ASP A 60 14.40 -26.65 -7.47
C ASP A 60 15.60 -25.71 -7.54
N SER A 61 16.62 -26.10 -8.30
CA SER A 61 17.92 -25.41 -8.27
C SER A 61 17.97 -24.04 -8.96
N VAL A 62 18.24 -22.99 -8.17
CA VAL A 62 18.37 -21.65 -8.73
C VAL A 62 19.83 -21.34 -9.10
N HIS A 63 20.09 -21.15 -10.40
CA HIS A 63 21.45 -20.97 -10.92
C HIS A 63 21.67 -19.71 -11.79
N ALA A 64 22.52 -18.80 -11.33
CA ALA A 64 22.82 -17.56 -12.05
C ALA A 64 24.31 -17.23 -12.15
N CYS A 65 24.71 -16.69 -13.29
CA CYS A 65 26.00 -16.01 -13.39
C CYS A 65 25.91 -14.69 -14.15
N VAL A 66 26.50 -13.67 -13.52
CA VAL A 66 26.40 -12.30 -13.99
C VAL A 66 27.77 -11.66 -13.97
N THR A 67 27.85 -10.42 -14.45
CA THR A 67 29.10 -9.65 -14.37
C THR A 67 28.87 -8.19 -13.97
N ARG A 68 29.76 -7.67 -13.12
CA ARG A 68 29.66 -6.29 -12.61
C ARG A 68 29.97 -5.25 -13.68
N TYR A 69 29.29 -4.11 -13.61
CA TYR A 69 29.61 -2.93 -14.42
C TYR A 69 29.60 -1.72 -13.50
N SER A 70 30.40 -0.71 -13.82
CA SER A 70 30.35 0.54 -13.05
C SER A 70 29.46 1.54 -13.76
N MET A 71 28.58 2.19 -12.99
CA MET A 71 27.77 3.26 -13.55
C MET A 71 28.64 4.52 -13.71
N LYS A 72 29.58 4.47 -14.66
CA LYS A 72 30.52 5.55 -14.95
C LYS A 72 29.84 6.90 -15.14
N ARG A 73 29.01 7.00 -16.17
CA ARG A 73 28.35 8.25 -16.50
C ARG A 73 27.36 8.73 -15.43
N LYS A 74 27.14 7.89 -14.40
CA LYS A 74 26.03 8.09 -13.47
C LYS A 74 24.74 8.34 -14.26
N ASP A 75 24.54 7.49 -15.26
CA ASP A 75 23.47 7.69 -16.21
C ASP A 75 22.77 6.39 -16.58
N ILE A 76 21.48 6.31 -16.25
CA ILE A 76 20.68 5.09 -16.42
C ILE A 76 20.63 4.61 -17.88
N THR A 77 20.89 5.52 -18.81
CA THR A 77 20.85 5.20 -20.23
C THR A 77 22.12 4.49 -20.68
N GLU A 78 23.13 4.50 -19.83
CA GLU A 78 24.37 3.80 -20.13
C GLU A 78 24.13 2.30 -20.28
N LEU A 79 23.08 1.81 -19.63
CA LEU A 79 22.70 0.41 -19.69
C LEU A 79 22.53 -0.11 -21.13
N ILE A 80 22.01 0.73 -22.02
CA ILE A 80 21.84 0.35 -23.42
C ILE A 80 23.16 -0.11 -24.07
N GLU A 81 24.22 0.65 -23.77
CA GLU A 81 25.56 0.33 -24.24
C GLU A 81 26.03 -1.03 -23.71
N PHE A 82 25.76 -1.31 -22.45
CA PHE A 82 26.12 -2.59 -21.85
C PHE A 82 25.37 -3.73 -22.55
N PHE A 83 24.09 -3.50 -22.84
CA PHE A 83 23.22 -4.54 -23.41
C PHE A 83 23.73 -4.95 -24.77
N ASN A 84 24.01 -3.96 -25.63
CA ASN A 84 24.53 -4.22 -26.98
C ASN A 84 25.81 -5.03 -26.90
N GLU A 85 26.77 -4.49 -26.14
CA GLU A 85 28.05 -5.11 -25.90
C GLU A 85 27.90 -6.59 -25.60
N ILE A 86 26.89 -6.92 -24.80
CA ILE A 86 26.60 -8.30 -24.43
C ILE A 86 26.06 -9.14 -25.59
N ILE A 87 25.23 -8.56 -26.44
CA ILE A 87 24.57 -9.35 -27.49
C ILE A 87 25.54 -9.80 -28.58
N GLU A 88 26.34 -8.87 -29.09
CA GLU A 88 27.33 -9.19 -30.11
C GLU A 88 28.43 -10.10 -29.56
N LEU A 89 29.05 -9.67 -28.46
CA LEU A 89 30.17 -10.39 -27.86
C LEU A 89 29.81 -11.79 -27.34
N MET A 90 28.60 -12.25 -27.64
CA MET A 90 28.15 -13.57 -27.18
C MET A 90 27.49 -14.32 -28.33
N PRO A 91 27.70 -15.64 -28.37
CA PRO A 91 27.12 -16.53 -29.37
C PRO A 91 25.60 -16.53 -29.32
N ALA A 92 24.96 -16.28 -30.45
CA ALA A 92 23.50 -16.22 -30.52
C ALA A 92 22.85 -17.61 -30.37
N SER A 93 23.66 -18.64 -30.19
CA SER A 93 23.13 -19.95 -29.83
C SER A 93 22.69 -19.87 -28.37
N VAL A 94 23.35 -18.97 -27.62
CA VAL A 94 22.95 -18.65 -26.26
C VAL A 94 21.83 -17.60 -26.24
N ILE A 95 22.08 -16.47 -26.88
CA ILE A 95 21.11 -15.37 -27.04
C ILE A 95 19.72 -15.82 -27.55
N LYS A 96 19.65 -16.99 -28.19
CA LYS A 96 18.37 -17.55 -28.61
C LYS A 96 17.70 -18.40 -27.54
N ARG A 97 18.43 -18.76 -26.49
CA ARG A 97 17.82 -19.48 -25.38
C ARG A 97 17.17 -18.52 -24.38
N VAL A 98 17.20 -17.23 -24.69
CA VAL A 98 16.71 -16.20 -23.77
C VAL A 98 15.17 -16.17 -23.68
N LYS A 99 14.65 -16.66 -22.55
CA LYS A 99 13.21 -16.64 -22.21
C LYS A 99 12.66 -15.22 -22.12
N ALA A 100 13.20 -14.46 -21.17
CA ALA A 100 12.63 -13.20 -20.75
C ALA A 100 13.73 -12.24 -20.33
N GLY A 101 13.42 -10.95 -20.31
CA GLY A 101 14.37 -9.93 -19.83
C GLY A 101 13.86 -9.02 -18.70
N VAL A 102 14.46 -9.15 -17.52
CA VAL A 102 14.03 -8.37 -16.38
C VAL A 102 15.16 -7.63 -15.67
N ILE A 103 15.09 -6.31 -15.64
CA ILE A 103 16.04 -5.57 -14.81
C ILE A 103 15.33 -4.74 -13.76
N ASN A 104 16.05 -4.45 -12.69
CA ASN A 104 15.59 -3.48 -11.70
C ASN A 104 16.47 -2.23 -11.64
N VAL A 105 15.85 -1.10 -11.29
CA VAL A 105 16.52 0.20 -11.21
C VAL A 105 16.13 0.94 -9.91
N PRO A 106 16.99 1.85 -9.42
CA PRO A 106 16.71 2.46 -8.11
C PRO A 106 15.86 3.74 -8.11
N GLY A 107 14.67 3.71 -8.68
CA GLY A 107 13.78 4.85 -8.69
C GLY A 107 12.35 4.37 -8.94
N PRO A 108 11.39 5.29 -8.98
CA PRO A 108 10.02 4.90 -9.34
C PRO A 108 9.92 4.41 -10.80
N VAL A 109 9.18 3.33 -11.02
CA VAL A 109 8.96 2.80 -12.35
C VAL A 109 7.48 2.73 -12.62
N THR A 110 7.05 3.32 -13.73
CA THR A 110 5.66 3.18 -14.10
C THR A 110 5.48 2.20 -15.26
N GLY A 111 4.38 1.46 -15.23
CA GLY A 111 3.99 0.55 -16.28
C GLY A 111 4.96 -0.58 -16.58
N GLY A 112 5.94 -0.80 -15.70
CA GLY A 112 6.97 -1.79 -15.92
C GLY A 112 7.85 -1.42 -17.11
N ALA A 113 7.68 -0.19 -17.59
CA ALA A 113 8.28 0.17 -18.86
C ALA A 113 9.16 1.40 -18.74
N VAL A 114 8.87 2.28 -17.79
CA VAL A 114 9.59 3.55 -17.67
C VAL A 114 10.09 3.87 -16.27
N GLY A 115 11.40 4.08 -16.15
CA GLY A 115 12.01 4.28 -14.84
C GLY A 115 12.64 5.63 -14.66
N GLY A 116 12.29 6.29 -13.57
CA GLY A 116 12.76 7.64 -13.30
C GLY A 116 11.68 8.48 -12.64
N PRO A 117 12.08 9.62 -12.04
CA PRO A 117 13.45 10.12 -12.02
C PRO A 117 14.27 9.40 -10.96
N PHE A 118 15.59 9.48 -11.01
CA PHE A 118 16.43 8.79 -10.03
C PHE A 118 17.18 9.72 -9.07
N ASN A 119 17.14 9.41 -7.78
CA ASN A 119 17.90 10.18 -6.78
C ASN A 119 19.42 10.08 -6.99
N ASN A 120 19.89 8.96 -7.54
CA ASN A 120 21.33 8.77 -7.79
C ASN A 120 21.77 9.26 -9.16
N LEU A 121 21.19 8.65 -10.18
CA LEU A 121 21.63 8.86 -11.54
C LEU A 121 20.73 9.85 -12.27
N LYS A 122 21.20 10.32 -13.42
CA LYS A 122 20.38 11.12 -14.30
C LYS A 122 19.75 10.19 -15.34
N GLY A 123 18.77 10.69 -16.08
CA GLY A 123 18.21 9.93 -17.19
C GLY A 123 16.93 9.17 -16.90
N ILE A 124 16.39 8.53 -17.94
CA ILE A 124 15.17 7.75 -17.80
C ILE A 124 15.31 6.35 -18.37
N ALA A 125 15.00 5.35 -17.54
CA ALA A 125 15.04 3.96 -17.98
C ALA A 125 13.84 3.68 -18.87
N ARG A 126 14.10 3.27 -20.11
CA ARG A 126 13.03 2.98 -21.07
C ARG A 126 13.13 1.59 -21.70
N LEU A 127 12.14 0.74 -21.42
CA LEU A 127 12.11 -0.60 -21.98
C LEU A 127 12.08 -0.57 -23.50
N SER A 128 11.44 0.46 -24.06
CA SER A 128 11.23 0.59 -25.51
C SER A 128 12.54 0.87 -26.25
N ASP A 129 13.56 1.28 -25.51
CA ASP A 129 14.87 1.50 -26.09
C ASP A 129 15.84 0.36 -25.78
N TYR A 130 15.29 -0.80 -25.46
CA TYR A 130 16.11 -1.94 -25.08
C TYR A 130 16.16 -2.98 -26.20
N PRO A 131 17.36 -3.53 -26.46
CA PRO A 131 17.57 -4.53 -27.50
C PRO A 131 16.76 -5.80 -27.27
N LYS A 132 15.87 -6.11 -28.21
CA LYS A 132 14.93 -7.21 -28.05
C LYS A 132 15.54 -8.61 -27.94
N ALA A 133 16.86 -8.71 -28.12
CA ALA A 133 17.54 -9.99 -27.94
C ALA A 133 17.60 -10.37 -26.45
N LEU A 134 17.88 -9.37 -25.63
CA LEU A 134 17.92 -9.55 -24.18
C LEU A 134 16.55 -9.32 -23.55
N PHE A 135 15.65 -8.67 -24.28
CA PHE A 135 14.33 -8.36 -23.75
C PHE A 135 13.18 -8.68 -24.73
N PRO A 136 12.80 -9.98 -24.82
CA PRO A 136 11.71 -10.48 -25.65
C PRO A 136 10.37 -9.80 -25.34
N PRO A 137 9.76 -9.11 -26.31
CA PRO A 137 8.47 -8.44 -26.09
C PRO A 137 7.43 -9.35 -25.43
N GLY A 138 6.73 -8.82 -24.43
CA GLY A 138 5.70 -9.57 -23.73
C GLY A 138 6.30 -10.44 -22.64
N ARG A 139 7.61 -10.37 -22.49
CA ARG A 139 8.29 -11.15 -21.47
C ARG A 139 9.41 -10.32 -20.83
N SER A 140 9.18 -9.01 -20.75
CA SER A 140 10.19 -8.09 -20.25
C SER A 140 9.60 -7.06 -19.31
N ALA A 141 10.34 -6.77 -18.25
CA ALA A 141 9.89 -5.73 -17.34
C ALA A 141 11.08 -4.92 -16.86
N ILE A 142 10.82 -3.65 -16.57
CA ILE A 142 11.70 -2.89 -15.73
C ILE A 142 11.04 -2.81 -14.35
N LEU A 143 11.78 -3.21 -13.31
CA LEU A 143 11.28 -3.23 -11.94
C LEU A 143 11.88 -2.11 -11.09
N ASN A 144 11.15 -1.62 -10.09
CA ASN A 144 11.80 -0.87 -9.01
C ASN A 144 12.71 -1.83 -8.18
N ASP A 145 13.83 -1.34 -7.69
CA ASP A 145 14.76 -2.22 -6.99
C ASP A 145 14.13 -2.98 -5.82
N LEU A 146 13.21 -2.35 -5.10
CA LEU A 146 12.56 -3.00 -3.97
C LEU A 146 11.38 -3.85 -4.40
N GLU A 147 10.85 -3.59 -5.60
CA GLU A 147 9.91 -4.50 -6.23
C GLU A 147 10.65 -5.81 -6.52
N ALA A 148 11.81 -5.70 -7.16
CA ALA A 148 12.66 -6.86 -7.42
C ALA A 148 12.95 -7.66 -6.14
N GLY A 149 13.39 -6.95 -5.11
CA GLY A 149 13.73 -7.55 -3.84
C GLY A 149 12.55 -8.19 -3.18
N GLY A 150 11.35 -7.64 -3.42
CA GLY A 150 10.12 -8.22 -2.91
C GLY A 150 9.87 -9.57 -3.55
N PHE A 151 10.01 -9.61 -4.87
CA PHE A 151 9.99 -10.84 -5.63
C PHE A 151 11.06 -11.82 -5.13
N GLY A 152 12.23 -11.29 -4.76
CA GLY A 152 13.31 -12.10 -4.19
C GLY A 152 12.95 -12.76 -2.85
N VAL A 153 12.25 -12.03 -1.99
CA VAL A 153 11.82 -12.55 -0.70
C VAL A 153 10.87 -13.72 -0.96
N LEU A 154 10.01 -13.55 -1.97
CA LEU A 154 9.08 -14.58 -2.40
C LEU A 154 9.83 -15.81 -2.95
N ALA A 155 10.82 -15.59 -3.81
CA ALA A 155 11.70 -16.64 -4.28
C ALA A 155 12.37 -17.41 -3.14
N VAL A 156 12.97 -16.70 -2.20
CA VAL A 156 13.57 -17.34 -1.04
C VAL A 156 12.57 -18.23 -0.30
N SER A 157 11.35 -17.72 -0.10
CA SER A 157 10.30 -18.50 0.58
C SER A 157 9.94 -19.80 -0.13
N ASP A 158 9.71 -19.71 -1.44
CA ASP A 158 9.33 -20.84 -2.27
C ASP A 158 10.38 -21.93 -2.28
N ALA A 159 11.64 -21.53 -2.20
CA ALA A 159 12.73 -22.48 -2.15
C ALA A 159 12.95 -22.98 -0.74
N HIS A 160 11.96 -22.78 0.14
CA HIS A 160 11.94 -23.31 1.52
C HIS A 160 13.14 -22.96 2.39
N VAL A 161 13.78 -21.84 2.07
CA VAL A 161 15.12 -21.57 2.58
C VAL A 161 15.13 -20.26 3.39
N PHE A 162 13.93 -19.82 3.74
CA PHE A 162 13.70 -18.59 4.48
C PHE A 162 14.56 -18.45 5.72
N SER A 163 14.51 -19.44 6.59
CA SER A 163 15.24 -19.31 7.85
C SER A 163 16.76 -19.37 7.64
N GLU A 164 17.21 -19.77 6.44
CA GLU A 164 18.63 -19.66 6.11
C GLU A 164 19.07 -18.20 5.84
N TYR A 165 18.14 -17.32 5.44
CA TYR A 165 18.51 -15.96 5.04
C TYR A 165 17.96 -14.85 5.91
N PHE A 166 16.93 -15.15 6.68
CA PHE A 166 16.32 -14.15 7.53
C PHE A 166 16.28 -14.61 8.98
N GLY A 167 16.34 -13.63 9.88
CA GLY A 167 16.31 -13.93 11.30
C GLY A 167 15.26 -13.08 12.00
N VAL A 168 14.60 -13.68 12.99
CA VAL A 168 13.59 -12.98 13.75
C VAL A 168 14.28 -12.00 14.67
N MET A 169 13.81 -10.76 14.68
CA MET A 169 14.34 -9.78 15.63
C MET A 169 13.46 -9.77 16.86
N TRP A 170 12.15 -9.92 16.63
CA TRP A 170 11.22 -10.14 17.69
C TRP A 170 9.93 -10.56 17.03
N GLU A 171 9.18 -11.41 17.71
CA GLU A 171 7.95 -11.95 17.17
C GLU A 171 6.77 -11.11 17.62
N GLY A 172 5.82 -10.91 16.72
CA GLY A 172 4.62 -10.16 17.04
C GLY A 172 3.46 -11.06 17.37
N THR A 173 2.44 -10.44 17.92
CA THR A 173 1.27 -11.10 18.48
C THR A 173 0.54 -11.98 17.48
N GLN A 174 0.51 -11.53 16.23
CA GLN A 174 -0.39 -12.10 15.27
C GLN A 174 0.20 -13.33 14.63
N TRP A 175 1.52 -13.49 14.71
CA TRP A 175 2.18 -14.57 14.00
C TRP A 175 1.52 -15.92 14.29
N ARG A 176 1.26 -16.20 15.57
CA ARG A 176 0.70 -17.49 16.00
C ARG A 176 -0.79 -17.66 15.61
N THR A 177 -1.48 -16.54 15.40
CA THR A 177 -2.87 -16.54 14.93
C THR A 177 -2.96 -16.96 13.45
N CYS A 178 -1.87 -16.87 12.71
CA CYS A 178 -1.85 -17.20 11.29
C CYS A 178 -0.99 -18.43 10.98
N GLU A 179 -0.07 -18.73 11.88
CA GLU A 179 1.01 -19.67 11.60
C GLU A 179 1.40 -20.55 12.81
N GLN A 180 1.56 -21.85 12.55
CA GLN A 180 1.93 -22.79 13.60
C GLN A 180 3.42 -23.09 13.54
N GLU A 181 4.00 -22.98 12.35
CA GLU A 181 5.45 -23.11 12.15
C GLU A 181 6.14 -21.93 12.86
N PRO A 182 7.46 -22.06 13.13
CA PRO A 182 8.07 -20.96 13.89
C PRO A 182 8.17 -19.70 13.05
N ALA A 183 8.11 -18.53 13.69
CA ALA A 183 8.40 -17.27 13.03
C ALA A 183 9.76 -17.38 12.36
N GLY A 184 9.82 -16.93 11.10
CA GLY A 184 11.08 -16.88 10.39
C GLY A 184 11.31 -18.10 9.51
N SER A 185 10.41 -19.08 9.62
CA SER A 185 10.57 -20.30 8.85
C SER A 185 9.93 -20.14 7.48
N VAL A 186 8.97 -19.24 7.42
CA VAL A 186 8.23 -18.94 6.20
C VAL A 186 7.86 -17.46 6.19
N ILE A 187 7.55 -16.94 4.99
CA ILE A 187 7.11 -15.56 4.87
C ILE A 187 5.80 -15.35 5.65
N GLY A 188 4.92 -16.33 5.59
CA GLY A 188 3.71 -16.29 6.38
C GLY A 188 2.53 -15.85 5.54
N ARG A 189 1.33 -16.25 5.98
CA ARG A 189 0.14 -15.96 5.19
C ARG A 189 -0.47 -14.64 5.58
N GLY A 190 0.28 -13.59 5.26
CA GLY A 190 -0.09 -12.22 5.60
C GLY A 190 0.82 -11.26 4.86
N ARG A 191 0.47 -9.98 4.86
CA ARG A 191 1.27 -8.93 4.23
C ARG A 191 2.68 -8.86 4.84
N CYS A 192 3.69 -8.75 3.97
CA CYS A 192 5.05 -8.56 4.42
C CYS A 192 5.63 -7.25 3.87
N LEU A 193 5.95 -6.33 4.78
CA LEU A 193 6.60 -5.05 4.44
C LEU A 193 8.12 -5.20 4.40
N VAL A 194 8.69 -4.91 3.23
CA VAL A 194 10.13 -5.02 3.00
C VAL A 194 10.79 -3.62 3.04
N LEU A 195 11.72 -3.41 3.95
CA LEU A 195 12.41 -2.11 4.06
C LEU A 195 13.90 -2.32 3.82
N ALA A 196 14.48 -1.53 2.92
CA ALA A 196 15.91 -1.64 2.65
C ALA A 196 16.64 -0.33 2.99
N PRO A 197 17.06 -0.17 4.26
CA PRO A 197 17.79 1.03 4.69
C PRO A 197 19.23 0.96 4.23
N GLY A 198 19.51 1.52 3.06
CA GLY A 198 20.86 1.54 2.53
C GLY A 198 21.27 2.96 2.21
N THR A 199 21.77 3.17 1.00
CA THR A 199 22.12 4.50 0.54
C THR A 199 20.87 5.37 0.54
N GLY A 200 19.86 4.94 -0.21
CA GLY A 200 18.51 5.45 -0.06
C GLY A 200 17.70 4.50 0.83
N LEU A 201 16.46 4.86 1.14
CA LEU A 201 15.58 3.96 1.91
C LEU A 201 14.51 3.28 1.01
N GLY A 202 14.68 2.00 0.71
CA GLY A 202 13.75 1.30 -0.18
C GLY A 202 12.58 0.65 0.56
N SER A 203 11.45 0.52 -0.11
CA SER A 203 10.28 -0.06 0.52
C SER A 203 9.33 -0.74 -0.46
N SER A 204 8.94 -1.98 -0.16
CA SER A 204 7.80 -2.60 -0.87
C SER A 204 6.89 -3.41 0.07
N LEU A 205 5.62 -3.48 -0.29
CA LEU A 205 4.63 -4.24 0.43
C LEU A 205 4.36 -5.55 -0.32
N ILE A 206 4.69 -6.70 0.29
CA ILE A 206 4.24 -7.96 -0.28
C ILE A 206 2.83 -8.16 0.23
N TYR A 207 1.87 -7.71 -0.58
CA TYR A 207 0.47 -7.90 -0.28
C TYR A 207 0.10 -9.39 -0.34
N TYR A 208 -0.88 -9.77 0.49
CA TYR A 208 -1.38 -11.13 0.57
C TYR A 208 -2.86 -11.06 0.35
N ASN A 209 -3.33 -11.76 -0.68
CA ASN A 209 -4.74 -11.83 -0.98
C ASN A 209 -5.32 -13.04 -0.24
N PRO A 210 -6.16 -12.79 0.77
CA PRO A 210 -6.71 -13.90 1.56
C PRO A 210 -7.75 -14.68 0.74
N MET A 211 -8.30 -14.05 -0.30
CA MET A 211 -9.20 -14.71 -1.25
C MET A 211 -8.59 -15.98 -1.89
N ASN A 212 -7.49 -15.81 -2.61
CA ASN A 212 -6.81 -16.93 -3.28
C ASN A 212 -5.46 -17.31 -2.66
N GLN A 213 -5.15 -16.81 -1.47
CA GLN A 213 -3.87 -17.06 -0.80
C GLN A 213 -2.62 -16.72 -1.60
N GLN A 214 -2.71 -15.69 -2.44
CA GLN A 214 -1.57 -15.26 -3.23
C GLN A 214 -0.77 -14.06 -2.64
N HIS A 215 0.55 -14.15 -2.71
CA HIS A 215 1.38 -12.97 -2.43
C HIS A 215 1.59 -12.14 -3.70
N ILE A 216 1.54 -10.82 -3.54
CA ILE A 216 1.63 -9.88 -4.65
C ILE A 216 2.49 -8.65 -4.26
N VAL A 217 3.56 -8.43 -5.01
CA VAL A 217 4.50 -7.36 -4.70
C VAL A 217 4.00 -5.96 -5.11
N VAL A 218 3.85 -5.07 -4.14
CA VAL A 218 3.43 -3.70 -4.42
C VAL A 218 4.51 -2.64 -4.07
N PRO A 219 5.20 -2.07 -5.08
CA PRO A 219 6.25 -1.05 -4.88
C PRO A 219 5.74 0.16 -4.12
N LEU A 220 6.52 0.66 -3.19
CA LEU A 220 6.13 1.81 -2.38
C LEU A 220 7.23 2.83 -2.46
N GLU A 221 6.92 4.07 -2.07
CA GLU A 221 7.94 5.09 -1.81
C GLU A 221 7.74 5.72 -0.42
N LEU A 222 7.77 4.88 0.62
CA LEU A 222 7.59 5.32 2.02
C LEU A 222 8.66 6.32 2.43
N GLY A 223 9.86 6.17 1.89
CA GLY A 223 10.97 7.05 2.26
C GLY A 223 10.72 8.52 1.99
N SER A 224 9.83 8.83 1.07
CA SER A 224 9.62 10.22 0.66
C SER A 224 8.46 10.90 1.40
N GLN A 225 7.77 10.14 2.23
CA GLN A 225 6.80 10.71 3.16
C GLN A 225 7.49 11.67 4.16
N THR A 226 6.88 12.84 4.39
CA THR A 226 7.27 13.73 5.49
C THR A 226 7.21 13.01 6.86
N ILE A 227 8.29 13.13 7.65
CA ILE A 227 8.33 12.52 8.96
C ILE A 227 7.36 13.16 9.96
N PRO A 228 6.46 12.36 10.53
CA PRO A 228 5.61 12.90 11.58
C PRO A 228 6.42 12.90 12.89
N MET A 229 6.06 13.76 13.83
CA MET A 229 6.88 13.97 15.04
C MET A 229 6.61 12.98 16.15
N ARG A 230 7.58 12.82 17.03
CA ARG A 230 7.30 12.32 18.37
C ARG A 230 7.63 13.45 19.36
N LYS A 231 8.66 13.25 20.18
CA LYS A 231 9.08 14.28 21.12
C LYS A 231 10.40 14.82 20.60
N ASP A 232 10.42 15.15 19.33
CA ASP A 232 11.68 15.35 18.64
C ASP A 232 11.59 16.50 17.62
N ILE A 233 10.64 17.40 17.87
CA ILE A 233 10.49 18.59 17.05
C ILE A 233 11.79 19.38 16.88
N ASP A 234 12.59 19.53 17.94
CA ASP A 234 13.82 20.30 17.81
C ASP A 234 14.78 19.62 16.85
N TYR A 235 14.79 18.30 16.88
CA TYR A 235 15.77 17.55 16.11
C TYR A 235 15.43 17.63 14.61
N ILE A 236 14.14 17.51 14.32
CA ILE A 236 13.66 17.56 12.95
C ILE A 236 13.91 18.96 12.35
N GLN A 237 13.68 19.98 13.18
CA GLN A 237 13.84 21.37 12.75
C GLN A 237 15.28 21.70 12.43
N THR A 238 16.18 21.08 13.16
CA THR A 238 17.62 21.18 12.88
C THR A 238 17.97 20.70 11.48
N LEU A 239 17.39 19.56 11.09
CA LEU A 239 17.65 19.02 9.77
C LEU A 239 16.91 19.84 8.70
N HIS A 240 15.69 20.24 9.02
CA HIS A 240 14.87 21.11 8.20
C HIS A 240 15.71 22.32 7.78
N ALA A 241 16.44 22.89 8.75
CA ALA A 241 17.24 24.10 8.52
C ALA A 241 18.47 23.86 7.65
N GLU A 242 19.05 22.66 7.70
CA GLU A 242 20.12 22.27 6.79
C GLU A 242 19.68 22.02 5.34
N LEU A 243 18.52 21.43 5.16
CA LEU A 243 18.09 20.94 3.86
C LEU A 243 17.27 21.99 3.12
N LYS A 244 16.67 22.89 3.91
CA LYS A 244 15.65 23.83 3.46
C LYS A 244 14.39 23.11 2.94
N LEU A 245 14.11 21.97 3.55
CA LEU A 245 13.03 21.06 3.15
C LEU A 245 12.48 20.38 4.40
N LEU A 246 11.16 20.25 4.50
CA LEU A 246 10.56 19.35 5.48
C LEU A 246 11.16 17.97 5.31
N PRO A 247 11.87 17.48 6.35
CA PRO A 247 12.52 16.17 6.32
C PRO A 247 11.50 15.05 6.06
N ASN A 248 11.87 14.18 5.14
CA ASN A 248 11.18 12.90 4.97
C ASN A 248 11.98 11.79 5.64
N TYR A 249 11.41 10.59 5.71
CA TYR A 249 12.08 9.45 6.36
C TYR A 249 13.46 9.23 5.81
N GLU A 250 13.60 9.20 4.48
CA GLU A 250 14.91 9.00 3.91
C GLU A 250 15.97 10.05 4.38
N ASN A 251 15.57 11.31 4.65
CA ASN A 251 16.55 12.26 5.16
C ASN A 251 17.19 11.77 6.48
N MET A 252 16.43 11.04 7.30
CA MET A 252 16.97 10.50 8.54
C MET A 252 17.54 9.09 8.35
N VAL A 253 16.94 8.30 7.48
CA VAL A 253 17.35 6.91 7.32
C VAL A 253 17.99 6.73 5.96
N SER A 254 19.30 6.95 5.89
CA SER A 254 20.05 6.93 4.64
C SER A 254 21.49 7.19 4.99
N GLY A 255 22.37 7.16 3.99
CA GLY A 255 23.76 7.49 4.20
C GLY A 255 23.94 8.91 4.69
N ALA A 256 23.22 9.85 4.06
CA ALA A 256 23.30 11.24 4.47
C ALA A 256 22.67 11.44 5.84
N GLY A 257 21.65 10.64 6.16
CA GLY A 257 21.04 10.70 7.47
C GLY A 257 21.99 10.22 8.56
N LEU A 258 22.70 9.12 8.29
CA LEU A 258 23.61 8.58 9.26
C LEU A 258 24.70 9.62 9.54
N GLU A 259 25.24 10.23 8.49
CA GLU A 259 26.24 11.32 8.59
C GLU A 259 25.75 12.49 9.43
N PHE A 260 24.50 12.85 9.24
CA PHE A 260 23.88 13.91 10.00
C PHE A 260 23.80 13.55 11.49
N HIS A 261 23.32 12.36 11.78
CA HIS A 261 23.22 11.83 13.13
C HIS A 261 24.56 11.89 13.86
N TYR A 262 25.62 11.54 13.14
CA TYR A 262 26.97 11.67 13.66
C TYR A 262 27.36 13.13 14.01
N ARG A 263 27.14 14.06 13.08
CA ARG A 263 27.41 15.50 13.34
C ARG A 263 26.64 16.03 14.55
N GLN A 264 25.37 15.66 14.69
CA GLN A 264 24.63 16.06 15.87
C GLN A 264 25.19 15.47 17.16
N VAL A 265 25.78 14.27 17.07
CA VAL A 265 26.31 13.61 18.26
C VAL A 265 27.60 14.29 18.74
N VAL A 266 28.54 14.50 17.81
CA VAL A 266 29.86 15.02 18.16
C VAL A 266 29.92 16.55 18.45
N ARG A 267 29.07 17.34 17.78
CA ARG A 267 29.02 18.79 17.96
C ARG A 267 30.35 19.53 17.68
N GLY A 268 30.91 19.30 16.50
CA GLY A 268 32.15 19.94 16.11
C GLY A 268 33.39 19.35 16.75
N SER A 269 33.19 18.51 17.76
CA SER A 269 34.29 17.93 18.55
C SER A 269 35.16 16.97 17.73
N ARG A 270 34.58 16.38 16.69
CA ARG A 270 35.31 15.57 15.72
C ARG A 270 34.84 16.04 14.35
N PRO A 271 35.71 15.99 13.34
CA PRO A 271 35.18 16.47 12.06
C PRO A 271 34.25 15.40 11.46
N PRO A 272 33.43 15.78 10.46
CA PRO A 272 32.52 14.83 9.82
C PRO A 272 33.23 13.68 9.09
N CYS A 273 32.71 12.47 9.23
CA CYS A 273 33.15 11.37 8.38
C CYS A 273 31.96 10.72 7.68
N SER A 274 32.22 9.81 6.74
CA SER A 274 31.19 9.22 5.88
C SER A 274 30.33 8.17 6.59
N ALA A 275 29.14 7.93 6.04
CA ALA A 275 28.26 6.84 6.48
C ALA A 275 29.06 5.57 6.68
N GLY A 276 29.81 5.19 5.66
CA GLY A 276 30.65 4.00 5.71
C GLY A 276 31.62 3.98 6.88
N GLU A 277 32.32 5.11 7.06
CA GLU A 277 33.28 5.25 8.15
C GLU A 277 32.59 5.18 9.52
N ILE A 278 31.39 5.75 9.60
CA ILE A 278 30.62 5.74 10.84
C ILE A 278 30.17 4.33 11.21
N ALA A 279 29.83 3.54 10.19
CA ALA A 279 29.46 2.15 10.44
C ALA A 279 30.67 1.36 10.93
N LYS A 280 31.82 1.55 10.29
CA LYS A 280 33.05 0.88 10.73
C LYS A 280 33.43 1.25 12.16
N LEU A 281 33.39 2.55 12.45
CA LEU A 281 33.65 3.04 13.79
C LEU A 281 32.77 2.33 14.82
N ALA A 282 31.47 2.34 14.59
CA ALA A 282 30.55 1.70 15.55
C ALA A 282 30.86 0.21 15.66
N SER A 283 31.35 -0.39 14.58
CA SER A 283 31.70 -1.81 14.61
C SER A 283 32.97 -2.07 15.44
N GLU A 284 33.56 -0.99 15.96
CA GLU A 284 34.77 -1.07 16.76
C GLU A 284 34.47 -0.55 18.15
N GLY A 285 33.19 -0.26 18.39
CA GLY A 285 32.74 0.18 19.69
C GLY A 285 32.86 1.68 19.94
N ASP A 286 33.04 2.47 18.89
CA ASP A 286 33.01 3.91 19.08
C ASP A 286 31.64 4.38 19.59
N ALA A 287 31.61 4.91 20.82
CA ALA A 287 30.36 5.38 21.42
C ALA A 287 29.60 6.44 20.59
N ASN A 288 30.34 7.35 19.96
CA ASN A 288 29.72 8.40 19.12
C ASN A 288 28.99 7.82 17.90
N ALA A 289 29.70 7.02 17.09
CA ALA A 289 29.09 6.33 15.96
C ALA A 289 27.93 5.41 16.39
N CYS A 290 28.10 4.70 17.50
CA CYS A 290 27.03 3.86 18.03
C CYS A 290 25.80 4.69 18.36
N LYS A 291 26.01 5.87 18.95
CA LYS A 291 24.91 6.80 19.18
C LYS A 291 24.20 7.18 17.86
N ALA A 292 25.01 7.42 16.82
CA ALA A 292 24.52 7.77 15.49
C ALA A 292 23.71 6.63 14.86
N MET A 293 24.24 5.41 14.97
CA MET A 293 23.57 4.22 14.52
C MET A 293 22.18 4.04 15.19
N LYS A 294 22.12 4.26 16.51
CA LYS A 294 20.86 4.13 17.24
C LYS A 294 19.84 5.16 16.78
N LYS A 295 20.32 6.38 16.51
CA LYS A 295 19.45 7.51 16.16
C LYS A 295 18.82 7.26 14.78
N TYR A 296 19.66 6.79 13.87
CA TYR A 296 19.26 6.28 12.58
C TYR A 296 18.17 5.21 12.74
N HIS A 297 18.40 4.27 13.64
CA HIS A 297 17.45 3.17 13.81
C HIS A 297 16.17 3.61 14.51
N GLU A 298 16.26 4.66 15.30
CA GLU A 298 15.06 5.24 15.90
C GLU A 298 14.10 5.70 14.79
N TYR A 299 14.66 6.23 13.70
CA TYR A 299 13.83 6.73 12.59
C TYR A 299 13.37 5.64 11.64
N LEU A 300 14.20 4.63 11.44
CA LEU A 300 13.77 3.44 10.71
C LEU A 300 12.55 2.87 11.40
N MET A 301 12.64 2.70 12.72
CA MET A 301 11.49 2.17 13.45
C MET A 301 10.22 3.04 13.35
N ARG A 302 10.37 4.34 13.19
CA ARG A 302 9.18 5.18 12.99
C ARG A 302 8.51 4.91 11.64
N VAL A 303 9.29 4.61 10.60
CA VAL A 303 8.70 4.14 9.33
C VAL A 303 7.88 2.88 9.60
N GLY A 304 8.46 1.97 10.38
CA GLY A 304 7.82 0.73 10.73
C GLY A 304 6.50 0.92 11.46
N SER A 305 6.47 1.81 12.43
CA SER A 305 5.25 1.91 13.23
C SER A 305 4.11 2.62 12.51
N GLU A 306 4.43 3.65 11.74
CA GLU A 306 3.41 4.29 10.90
C GLU A 306 2.91 3.31 9.84
N ALA A 307 3.82 2.64 9.16
CA ALA A 307 3.43 1.70 8.12
C ALA A 307 2.69 0.49 8.71
N SER A 308 3.01 0.13 9.95
CA SER A 308 2.29 -0.93 10.67
C SER A 308 0.80 -0.64 10.74
N MET A 309 0.46 0.63 10.89
CA MET A 309 -0.92 1.01 10.98
C MET A 309 -1.53 1.12 9.59
N ALA A 310 -0.84 1.83 8.70
CA ALA A 310 -1.41 2.17 7.40
C ALA A 310 -1.57 0.95 6.54
N LEU A 311 -0.51 0.13 6.50
CA LEU A 311 -0.47 -0.99 5.59
C LEU A 311 -0.81 -2.33 6.25
N LEU A 312 -0.86 -2.38 7.57
CA LEU A 312 -1.29 -3.59 8.30
C LEU A 312 -0.49 -4.83 7.95
N PRO A 313 0.83 -4.82 8.18
CA PRO A 313 1.58 -6.02 7.78
C PRO A 313 1.54 -7.10 8.85
N LEU A 314 1.72 -8.36 8.46
CA LEU A 314 1.99 -9.45 9.40
C LEU A 314 3.47 -9.39 9.79
N THR A 315 4.32 -9.13 8.80
CA THR A 315 5.74 -9.06 9.06
C THR A 315 6.42 -7.81 8.50
N ILE A 316 7.48 -7.38 9.18
CA ILE A 316 8.38 -6.36 8.63
C ILE A 316 9.77 -6.97 8.51
N VAL A 317 10.31 -6.96 7.29
CA VAL A 317 11.64 -7.48 7.02
C VAL A 317 12.68 -6.42 6.55
N LEU A 318 13.83 -6.41 7.21
CA LEU A 318 14.90 -5.50 6.83
C LEU A 318 15.88 -6.22 5.92
N VAL A 319 16.05 -5.71 4.70
CA VAL A 319 16.92 -6.37 3.73
C VAL A 319 18.08 -5.54 3.24
N GLY A 320 19.07 -6.22 2.66
CA GLY A 320 20.20 -5.58 2.01
C GLY A 320 21.50 -6.04 2.61
N ASP A 321 22.61 -5.87 1.90
CA ASP A 321 23.93 -6.23 2.43
C ASP A 321 24.31 -5.35 3.63
N ASN A 322 23.90 -4.09 3.57
CA ASN A 322 23.93 -3.18 4.70
C ASN A 322 23.42 -3.85 5.99
N ILE A 323 22.25 -4.49 5.90
CA ILE A 323 21.65 -5.16 7.04
C ILE A 323 22.46 -6.39 7.45
N VAL A 324 22.92 -7.17 6.48
CA VAL A 324 23.71 -8.34 6.82
C VAL A 324 25.02 -7.95 7.50
N ASN A 325 25.73 -7.00 6.92
CA ASN A 325 27.04 -6.62 7.42
C ASN A 325 27.04 -5.95 8.79
N ASN A 326 25.97 -5.25 9.13
CA ASN A 326 25.88 -4.59 10.44
C ASN A 326 25.26 -5.50 11.50
N ALA A 327 25.54 -6.79 11.43
CA ALA A 327 24.94 -7.74 12.36
C ALA A 327 25.42 -7.49 13.80
N PHE A 328 26.63 -6.94 13.96
CA PHE A 328 27.14 -6.48 15.27
C PHE A 328 26.13 -5.59 15.98
N PHE A 329 25.43 -4.74 15.23
CA PHE A 329 24.45 -3.84 15.82
C PHE A 329 23.20 -4.58 16.26
N TYR A 330 22.75 -5.51 15.42
CA TYR A 330 21.48 -6.21 15.67
C TYR A 330 21.57 -7.32 16.70
N ARG A 331 22.72 -7.94 16.84
CA ARG A 331 22.83 -9.04 17.78
C ARG A 331 22.99 -8.54 19.23
N ASN A 332 23.19 -7.24 19.39
CA ASN A 332 23.20 -6.61 20.71
C ASN A 332 21.77 -6.42 21.20
N PRO A 333 21.46 -6.95 22.40
CA PRO A 333 20.09 -7.02 22.93
C PRO A 333 19.61 -5.66 23.47
N GLN A 334 20.56 -4.83 23.87
CA GLN A 334 20.19 -3.49 24.27
C GLN A 334 19.78 -2.68 23.03
N ASN A 335 20.48 -2.86 21.91
CA ASN A 335 20.08 -2.19 20.68
C ASN A 335 18.72 -2.71 20.24
N LEU A 336 18.54 -4.02 20.35
CA LEU A 336 17.29 -4.63 19.89
C LEU A 336 16.10 -4.15 20.72
N LYS A 337 16.32 -3.99 22.00
CA LYS A 337 15.27 -3.58 22.92
C LYS A 337 14.82 -2.13 22.61
N GLU A 338 15.79 -1.28 22.26
CA GLU A 338 15.52 0.13 21.97
C GLU A 338 14.81 0.32 20.62
N MET A 339 15.23 -0.41 19.59
CA MET A 339 14.48 -0.45 18.33
C MET A 339 13.06 -0.89 18.60
N HIS A 340 12.91 -2.02 19.33
CA HIS A 340 11.60 -2.54 19.73
C HIS A 340 10.75 -1.48 20.44
N ARG A 341 11.38 -0.71 21.33
CA ARG A 341 10.67 0.34 22.05
C ARG A 341 10.15 1.39 21.06
N GLU A 342 10.98 1.75 20.10
CA GLU A 342 10.64 2.75 19.10
C GLU A 342 9.61 2.22 18.09
N ALA A 343 9.69 0.94 17.76
CA ALA A 343 8.69 0.33 16.90
C ALA A 343 7.29 0.34 17.53
N LEU A 344 7.22 0.34 18.85
CA LEU A 344 5.95 0.38 19.57
C LEU A 344 5.48 1.80 19.92
N ASN A 345 6.30 2.79 19.57
CA ASN A 345 5.98 4.18 19.91
C ASN A 345 5.01 4.79 18.91
N HIS A 346 3.75 4.47 19.13
CA HIS A 346 2.66 4.92 18.28
C HIS A 346 1.39 4.91 19.12
N GLU A 347 0.58 5.95 18.99
CA GLU A 347 -0.69 6.04 19.70
C GLU A 347 -1.57 4.79 19.56
N MET A 348 -1.55 4.18 18.39
CA MET A 348 -2.40 3.03 18.14
C MET A 348 -1.91 1.77 18.85
N GLU A 349 -0.75 1.83 19.49
CA GLU A 349 -0.24 0.66 20.22
C GLU A 349 -1.10 0.36 21.46
N ARG A 350 -1.91 1.32 21.88
CA ARG A 350 -2.82 1.12 22.99
C ARG A 350 -3.91 0.09 22.62
N PHE A 351 -3.91 -0.33 21.35
CA PHE A 351 -4.79 -1.39 20.86
C PHE A 351 -3.97 -2.58 20.39
N GLY A 352 -2.67 -2.50 20.53
CA GLY A 352 -1.80 -3.61 20.14
C GLY A 352 -1.37 -3.75 18.69
N PHE A 353 -1.62 -2.74 17.85
CA PHE A 353 -1.32 -2.85 16.41
C PHE A 353 0.14 -2.98 16.02
N GLN A 354 1.01 -2.21 16.65
CA GLN A 354 2.43 -2.33 16.41
C GLN A 354 2.98 -3.62 17.03
N SER A 355 2.35 -4.06 18.13
CA SER A 355 2.72 -5.32 18.76
C SER A 355 2.32 -6.54 17.94
N ARG A 356 1.34 -6.39 17.05
CA ARG A 356 0.94 -7.51 16.19
C ARG A 356 2.10 -8.00 15.31
N VAL A 357 2.99 -7.08 14.98
CA VAL A 357 3.88 -7.28 13.84
C VAL A 357 5.18 -7.99 14.20
N THR A 358 5.62 -8.90 13.32
CA THR A 358 6.92 -9.54 13.49
C THR A 358 8.02 -8.87 12.65
N TYR A 359 9.09 -8.49 13.32
CA TYR A 359 10.23 -7.91 12.64
C TYR A 359 11.30 -8.96 12.39
N LEU A 360 11.71 -9.07 11.14
CA LEU A 360 12.87 -9.88 10.80
C LEU A 360 13.96 -9.01 10.14
N ARG A 361 15.12 -9.61 9.91
CA ARG A 361 16.14 -8.96 9.12
C ARG A 361 16.94 -10.02 8.37
N GLN A 362 17.49 -9.64 7.23
CA GLN A 362 18.33 -10.55 6.48
C GLN A 362 19.63 -10.72 7.28
N LYS A 363 20.10 -11.97 7.40
CA LYS A 363 21.26 -12.30 8.25
C LYS A 363 22.33 -13.00 7.43
N LYS A 364 22.08 -13.10 6.13
CA LYS A 364 23.02 -13.76 5.26
C LYS A 364 22.99 -13.07 3.90
N LEU A 365 24.15 -12.88 3.31
CA LEU A 365 24.23 -12.19 2.03
C LEU A 365 23.47 -12.94 0.94
N LEU A 366 22.75 -12.16 0.13
CA LEU A 366 22.03 -12.70 -1.00
C LEU A 366 21.51 -11.55 -1.82
N ASN A 367 21.81 -11.54 -3.11
CA ASN A 367 21.20 -10.58 -4.00
C ASN A 367 19.73 -10.94 -4.22
N LEU A 368 18.86 -10.39 -3.38
CA LEU A 368 17.43 -10.53 -3.54
C LEU A 368 16.94 -9.98 -4.89
N ASN A 369 17.54 -8.89 -5.35
CA ASN A 369 17.09 -8.28 -6.61
C ASN A 369 17.25 -9.18 -7.84
N LEU A 370 18.35 -9.91 -7.94
CA LEU A 370 18.58 -10.79 -9.08
C LEU A 370 17.62 -11.97 -9.04
N MET A 371 17.48 -12.58 -7.87
CA MET A 371 16.47 -13.60 -7.68
C MET A 371 15.08 -13.10 -8.07
N GLY A 372 14.82 -11.84 -7.76
CA GLY A 372 13.51 -11.27 -7.96
C GLY A 372 13.24 -10.98 -9.41
N CYS A 373 14.27 -10.54 -10.10
CA CYS A 373 14.17 -10.33 -11.54
C CYS A 373 13.86 -11.65 -12.23
N TYR A 374 14.52 -12.71 -11.78
CA TYR A 374 14.27 -14.05 -12.26
C TYR A 374 12.88 -14.56 -11.88
N ARG A 375 12.49 -14.34 -10.62
CA ARG A 375 11.17 -14.78 -10.15
C ARG A 375 10.10 -14.04 -10.93
N CYS A 376 10.37 -12.78 -11.24
CA CYS A 376 9.43 -11.99 -12.02
C CYS A 376 9.31 -12.48 -13.46
N GLY A 377 10.44 -12.89 -14.04
CA GLY A 377 10.46 -13.43 -15.39
C GLY A 377 9.64 -14.71 -15.55
N LEU A 378 9.54 -15.49 -14.47
CA LEU A 378 8.75 -16.71 -14.50
C LEU A 378 7.27 -16.37 -14.65
N ASP A 379 6.84 -15.30 -13.99
CA ASP A 379 5.45 -14.83 -14.06
C ASP A 379 5.08 -14.25 -15.42
N LEU A 380 6.04 -13.65 -16.12
CA LEU A 380 5.78 -13.05 -17.43
C LEU A 380 5.80 -14.14 -18.50
N SER A 381 5.92 -15.38 -18.04
CA SER A 381 6.17 -16.55 -18.87
C SER A 381 5.01 -17.53 -18.79
N MET B 15 -26.27 -3.36 -10.97
CA MET B 15 -26.29 -1.97 -11.39
C MET B 15 -27.52 -1.25 -10.82
N ASN B 16 -28.40 -2.01 -10.17
CA ASN B 16 -29.62 -1.44 -9.59
C ASN B 16 -30.25 -2.34 -8.53
N ILE B 17 -30.74 -1.68 -7.48
CA ILE B 17 -31.13 -2.33 -6.24
C ILE B 17 -32.58 -1.96 -5.89
N LYS B 18 -33.09 -2.47 -4.77
CA LYS B 18 -34.36 -2.06 -4.20
C LYS B 18 -34.45 -2.54 -2.77
N GLU B 19 -34.76 -1.62 -1.85
CA GLU B 19 -34.97 -2.01 -0.46
C GLU B 19 -36.42 -2.48 -0.30
N LEU B 20 -36.60 -3.58 0.41
CA LEU B 20 -37.91 -4.16 0.61
C LEU B 20 -38.01 -4.54 2.07
N SER B 21 -39.23 -4.65 2.58
CA SER B 21 -39.42 -5.18 3.91
C SER B 21 -38.97 -6.63 3.90
N LEU B 22 -38.46 -7.10 5.02
CA LEU B 22 -38.06 -8.49 5.20
C LEU B 22 -39.08 -9.44 4.56
N HIS B 23 -40.34 -9.25 4.96
CA HIS B 23 -41.45 -10.07 4.51
C HIS B 23 -41.63 -10.07 2.99
N GLU B 24 -41.54 -8.90 2.36
CA GLU B 24 -41.78 -8.82 0.92
C GLU B 24 -40.56 -9.17 0.07
N LEU B 25 -39.38 -9.02 0.65
CA LEU B 25 -38.15 -9.52 0.02
C LEU B 25 -38.32 -11.01 -0.18
N CYS B 26 -38.71 -11.68 0.89
CA CYS B 26 -39.06 -13.10 0.88
C CYS B 26 -40.08 -13.43 -0.22
N GLU B 27 -41.03 -12.53 -0.45
CA GLU B 27 -41.99 -12.70 -1.54
C GLU B 27 -41.27 -12.58 -2.88
N GLU B 28 -40.40 -11.57 -2.98
CA GLU B 28 -39.73 -11.23 -4.23
C GLU B 28 -38.95 -12.40 -4.82
N LEU B 29 -38.30 -13.15 -3.94
CA LEU B 29 -37.40 -14.22 -4.37
C LEU B 29 -38.13 -15.42 -4.98
N LYS B 30 -39.44 -15.50 -4.75
CA LYS B 30 -40.24 -16.64 -5.19
C LYS B 30 -40.66 -16.51 -6.66
N THR B 31 -40.56 -15.29 -7.18
CA THR B 31 -40.81 -15.04 -8.59
C THR B 31 -39.81 -15.80 -9.46
N PRO B 32 -40.23 -16.25 -10.64
CA PRO B 32 -39.40 -17.13 -11.46
C PRO B 32 -38.15 -16.43 -12.00
N ALA B 33 -38.17 -15.10 -12.07
CA ALA B 33 -37.00 -14.35 -12.49
C ALA B 33 -35.88 -14.39 -11.44
N TRP B 34 -36.22 -14.90 -10.25
CA TRP B 34 -35.25 -15.06 -9.16
C TRP B 34 -34.97 -16.53 -8.87
N ASN B 35 -35.01 -17.34 -9.92
CA ASN B 35 -34.62 -18.74 -9.85
C ASN B 35 -33.14 -18.88 -10.12
N VAL B 36 -32.53 -17.77 -10.56
CA VAL B 36 -31.11 -17.67 -10.86
C VAL B 36 -30.26 -18.08 -9.66
N PRO B 37 -28.98 -18.46 -9.89
CA PRO B 37 -28.04 -18.50 -8.77
C PRO B 37 -27.95 -17.15 -8.07
N LEU B 38 -27.89 -17.20 -6.74
CA LEU B 38 -27.92 -16.00 -5.91
C LEU B 38 -26.63 -15.77 -5.13
N THR B 39 -26.33 -14.50 -4.87
CA THR B 39 -25.23 -14.13 -3.99
C THR B 39 -25.79 -13.37 -2.79
N PHE B 40 -25.47 -13.82 -1.58
CA PHE B 40 -25.85 -13.11 -0.38
C PHE B 40 -24.87 -11.98 -0.16
N VAL B 41 -25.38 -10.75 -0.03
CA VAL B 41 -24.52 -9.61 0.30
C VAL B 41 -25.04 -8.87 1.52
N GLY B 42 -24.18 -8.05 2.12
CA GLY B 42 -24.52 -7.37 3.33
C GLY B 42 -23.59 -6.23 3.63
N ASP B 43 -24.18 -5.05 3.83
CA ASP B 43 -23.45 -3.81 4.05
C ASP B 43 -23.70 -3.33 5.47
N VAL B 44 -22.67 -3.44 6.29
CA VAL B 44 -22.79 -3.13 7.70
C VAL B 44 -22.07 -1.84 8.06
N GLY B 45 -22.83 -0.89 8.58
CA GLY B 45 -22.27 0.32 9.14
C GLY B 45 -22.64 0.40 10.60
N GLY B 46 -22.18 1.46 11.28
CA GLY B 46 -22.46 1.65 12.69
C GLY B 46 -23.95 1.82 12.98
N THR B 47 -24.63 2.58 12.13
CA THR B 47 -26.06 2.82 12.29
C THR B 47 -26.89 1.59 11.96
N SER B 48 -26.87 1.18 10.69
CA SER B 48 -27.68 0.05 10.25
C SER B 48 -26.94 -0.91 9.31
N ALA B 49 -27.60 -2.01 8.99
CA ALA B 49 -27.06 -3.02 8.09
C ALA B 49 -28.09 -3.35 7.03
N ARG B 50 -27.67 -3.37 5.77
CA ARG B 50 -28.55 -3.76 4.69
C ARG B 50 -28.05 -5.09 4.13
N MET B 51 -28.97 -6.04 4.00
CA MET B 51 -28.66 -7.40 3.56
C MET B 51 -29.68 -7.87 2.57
N GLY B 52 -29.24 -8.68 1.62
CA GLY B 52 -30.11 -9.21 0.60
C GLY B 52 -29.36 -10.14 -0.33
N PHE B 53 -29.88 -10.27 -1.54
CA PHE B 53 -29.41 -11.25 -2.51
C PHE B 53 -29.32 -10.56 -3.84
N VAL B 54 -28.39 -11.04 -4.67
CA VAL B 54 -28.15 -10.45 -5.97
C VAL B 54 -28.22 -11.54 -7.02
N ARG B 55 -28.94 -11.25 -8.09
CA ARG B 55 -28.97 -12.16 -9.21
C ARG B 55 -28.48 -11.40 -10.41
N GLU B 56 -28.23 -12.11 -11.48
CA GLU B 56 -27.86 -11.49 -12.73
C GLU B 56 -29.05 -11.64 -13.66
N GLY B 57 -29.19 -10.73 -14.61
CA GLY B 57 -30.34 -10.76 -15.51
C GLY B 57 -30.02 -10.58 -16.98
N LYS B 58 -31.05 -10.26 -17.76
CA LYS B 58 -30.93 -10.02 -19.19
C LYS B 58 -29.92 -8.89 -19.49
N ASN B 59 -29.26 -8.97 -20.65
CA ASN B 59 -28.37 -7.91 -21.12
C ASN B 59 -27.27 -7.54 -20.11
N ASP B 60 -26.74 -8.55 -19.43
CA ASP B 60 -25.72 -8.34 -18.40
C ASP B 60 -26.20 -7.39 -17.31
N SER B 61 -27.47 -7.50 -16.94
CA SER B 61 -28.01 -6.64 -15.88
C SER B 61 -27.75 -7.28 -14.53
N VAL B 62 -27.70 -6.44 -13.50
CA VAL B 62 -27.46 -6.93 -12.15
C VAL B 62 -28.49 -6.39 -11.17
N HIS B 63 -29.39 -7.27 -10.76
CA HIS B 63 -30.49 -6.91 -9.86
C HIS B 63 -30.23 -7.36 -8.43
N ALA B 64 -30.31 -6.42 -7.50
CA ALA B 64 -30.21 -6.74 -6.08
C ALA B 64 -31.46 -6.26 -5.35
N CYS B 65 -31.87 -6.98 -4.32
CA CYS B 65 -32.90 -6.48 -3.44
C CYS B 65 -32.56 -6.90 -2.02
N VAL B 66 -32.67 -5.95 -1.09
CA VAL B 66 -32.15 -6.16 0.26
C VAL B 66 -33.16 -5.67 1.28
N THR B 67 -32.85 -5.89 2.55
CA THR B 67 -33.69 -5.42 3.64
C THR B 67 -32.85 -4.80 4.75
N ARG B 68 -33.48 -3.99 5.61
CA ARG B 68 -32.78 -3.17 6.60
C ARG B 68 -32.79 -3.73 8.02
N TYR B 69 -31.91 -3.19 8.87
CA TYR B 69 -31.70 -3.69 10.23
C TYR B 69 -31.03 -2.65 11.13
N SER B 70 -31.65 -2.31 12.25
CA SER B 70 -31.02 -1.38 13.18
C SER B 70 -29.92 -2.09 13.96
N MET B 71 -28.76 -1.45 14.07
CA MET B 71 -27.68 -2.00 14.86
C MET B 71 -27.83 -1.60 16.33
N LYS B 72 -28.94 -2.04 16.93
CA LYS B 72 -29.39 -1.54 18.23
C LYS B 72 -28.39 -1.71 19.37
N ARG B 73 -27.90 -2.92 19.58
CA ARG B 73 -26.96 -3.15 20.68
C ARG B 73 -25.56 -2.57 20.38
N LYS B 74 -25.41 -2.02 19.17
CA LYS B 74 -24.10 -1.53 18.72
C LYS B 74 -23.04 -2.61 18.82
N ASP B 75 -23.47 -3.85 18.60
CA ASP B 75 -22.58 -4.99 18.70
C ASP B 75 -22.67 -5.84 17.44
N ILE B 76 -21.53 -6.02 16.80
CA ILE B 76 -21.41 -6.64 15.49
C ILE B 76 -21.96 -8.06 15.44
N THR B 77 -21.96 -8.72 16.59
CA THR B 77 -22.41 -10.11 16.67
C THR B 77 -23.91 -10.18 16.45
N GLU B 78 -24.58 -9.06 16.67
CA GLU B 78 -26.02 -8.96 16.48
C GLU B 78 -26.41 -9.39 15.08
N LEU B 79 -25.45 -9.33 14.17
CA LEU B 79 -25.63 -9.73 12.77
C LEU B 79 -26.08 -11.17 12.64
N ILE B 80 -25.55 -12.04 13.51
CA ILE B 80 -25.86 -13.45 13.44
C ILE B 80 -27.37 -13.71 13.53
N GLU B 81 -28.04 -12.96 14.40
CA GLU B 81 -29.49 -13.03 14.54
C GLU B 81 -30.15 -12.78 13.19
N PHE B 82 -29.79 -11.67 12.56
CA PHE B 82 -30.38 -11.26 11.30
C PHE B 82 -30.18 -12.37 10.28
N PHE B 83 -28.98 -12.96 10.30
CA PHE B 83 -28.64 -14.06 9.40
C PHE B 83 -29.60 -15.22 9.60
N ASN B 84 -29.66 -15.72 10.83
CA ASN B 84 -30.60 -16.78 11.22
C ASN B 84 -32.03 -16.43 10.83
N GLU B 85 -32.48 -15.26 11.28
CA GLU B 85 -33.82 -14.78 10.99
C GLU B 85 -34.09 -14.78 9.49
N ILE B 86 -33.11 -14.32 8.71
CA ILE B 86 -33.22 -14.37 7.25
C ILE B 86 -33.58 -15.77 6.77
N ILE B 87 -32.81 -16.77 7.16
CA ILE B 87 -33.01 -18.13 6.64
C ILE B 87 -34.28 -18.79 7.18
N GLU B 88 -34.58 -18.53 8.45
CA GLU B 88 -35.75 -19.12 9.09
C GLU B 88 -37.08 -18.64 8.47
N LEU B 89 -37.21 -17.33 8.30
CA LEU B 89 -38.41 -16.77 7.68
C LEU B 89 -38.23 -16.69 6.16
N MET B 90 -37.57 -17.71 5.59
CA MET B 90 -37.28 -17.74 4.16
C MET B 90 -37.33 -19.16 3.61
N PRO B 91 -37.95 -19.32 2.42
CA PRO B 91 -37.98 -20.59 1.71
C PRO B 91 -36.60 -21.21 1.56
N ALA B 92 -36.44 -22.45 2.03
CA ALA B 92 -35.22 -23.19 1.80
C ALA B 92 -35.12 -23.61 0.33
N SER B 93 -36.16 -23.31 -0.44
CA SER B 93 -36.14 -23.49 -1.89
C SER B 93 -35.23 -22.44 -2.53
N VAL B 94 -35.27 -21.24 -1.96
CA VAL B 94 -34.48 -20.14 -2.49
C VAL B 94 -33.10 -20.00 -1.81
N ILE B 95 -32.99 -20.45 -0.56
CA ILE B 95 -31.71 -20.45 0.15
C ILE B 95 -30.71 -21.36 -0.57
N LYS B 96 -31.24 -22.41 -1.20
CA LYS B 96 -30.40 -23.36 -1.93
C LYS B 96 -29.66 -22.72 -3.09
N ARG B 97 -30.18 -21.58 -3.55
CA ARG B 97 -29.61 -20.90 -4.70
C ARG B 97 -28.34 -20.09 -4.36
N VAL B 98 -28.11 -19.90 -3.06
CA VAL B 98 -26.96 -19.15 -2.58
C VAL B 98 -25.62 -19.82 -2.96
N LYS B 99 -24.87 -19.15 -3.83
CA LYS B 99 -23.60 -19.66 -4.32
C LYS B 99 -22.41 -18.90 -3.71
N ALA B 100 -22.69 -17.80 -3.01
CA ALA B 100 -21.67 -16.91 -2.51
C ALA B 100 -22.25 -15.99 -1.47
N GLY B 101 -21.50 -15.72 -0.41
CA GLY B 101 -21.90 -14.74 0.59
C GLY B 101 -20.76 -13.78 0.96
N VAL B 102 -21.02 -12.48 0.92
CA VAL B 102 -19.96 -11.52 1.20
C VAL B 102 -20.53 -10.35 1.97
N ILE B 103 -19.88 -9.96 3.07
CA ILE B 103 -20.32 -8.75 3.77
C ILE B 103 -19.17 -7.81 4.10
N ASN B 104 -19.48 -6.52 4.18
CA ASN B 104 -18.50 -5.57 4.66
C ASN B 104 -18.85 -4.98 6.03
N VAL B 105 -17.81 -4.72 6.82
CA VAL B 105 -17.95 -4.19 8.16
C VAL B 105 -17.03 -2.97 8.32
N PRO B 106 -17.39 -2.02 9.21
CA PRO B 106 -16.64 -0.75 9.27
C PRO B 106 -15.39 -0.80 10.12
N GLY B 107 -14.52 -1.76 9.88
CA GLY B 107 -13.27 -1.82 10.61
C GLY B 107 -12.29 -2.74 9.92
N PRO B 108 -11.05 -2.79 10.43
CA PRO B 108 -9.98 -3.64 9.89
C PRO B 108 -10.45 -5.10 9.83
N VAL B 109 -9.95 -5.86 8.86
CA VAL B 109 -10.28 -7.27 8.77
C VAL B 109 -9.04 -8.03 8.36
N THR B 110 -8.76 -9.13 9.03
CA THR B 110 -7.68 -10.00 8.61
C THR B 110 -8.23 -11.30 8.04
N GLY B 111 -7.56 -11.82 7.03
CA GLY B 111 -7.89 -13.10 6.42
C GLY B 111 -9.28 -13.22 5.82
N GLY B 112 -9.88 -12.08 5.50
CA GLY B 112 -11.23 -12.05 4.99
C GLY B 112 -12.24 -12.73 5.90
N ALA B 113 -11.89 -12.91 7.17
CA ALA B 113 -12.70 -13.72 8.07
C ALA B 113 -12.85 -13.16 9.47
N VAL B 114 -11.89 -12.37 9.94
CA VAL B 114 -12.01 -11.78 11.27
C VAL B 114 -11.95 -10.25 11.27
N GLY B 115 -13.04 -9.61 11.66
CA GLY B 115 -13.11 -8.16 11.59
C GLY B 115 -13.27 -7.42 12.91
N GLY B 116 -12.28 -6.61 13.28
CA GLY B 116 -12.38 -5.78 14.46
C GLY B 116 -11.11 -5.39 15.22
N PRO B 117 -11.29 -4.67 16.34
CA PRO B 117 -12.60 -4.15 16.76
C PRO B 117 -12.93 -2.87 16.01
N PHE B 118 -14.18 -2.42 16.12
CA PHE B 118 -14.64 -1.25 15.40
C PHE B 118 -14.85 -0.07 16.32
N ASN B 119 -14.45 1.12 15.87
CA ASN B 119 -14.73 2.34 16.61
C ASN B 119 -16.22 2.51 16.93
N ASN B 120 -17.07 2.34 15.92
CA ASN B 120 -18.51 2.58 16.10
C ASN B 120 -19.33 1.41 16.64
N LEU B 121 -18.72 0.23 16.76
CA LEU B 121 -19.44 -0.93 17.31
C LEU B 121 -18.57 -1.75 18.27
N LYS B 122 -19.20 -2.55 19.10
CA LYS B 122 -18.42 -3.44 19.96
C LYS B 122 -18.53 -4.86 19.42
N GLY B 123 -17.49 -5.65 19.64
CA GLY B 123 -17.53 -7.04 19.23
C GLY B 123 -16.59 -7.36 18.09
N ILE B 124 -16.60 -8.63 17.68
CA ILE B 124 -15.71 -9.10 16.64
C ILE B 124 -16.48 -9.91 15.61
N ALA B 125 -16.39 -9.48 14.35
CA ALA B 125 -17.06 -10.19 13.27
C ALA B 125 -16.24 -11.42 12.95
N ARG B 126 -16.89 -12.59 13.01
CA ARG B 126 -16.21 -13.85 12.72
C ARG B 126 -17.01 -14.59 11.67
N LEU B 127 -16.36 -14.94 10.57
CA LEU B 127 -17.03 -15.63 9.48
C LEU B 127 -17.38 -17.06 9.88
N SER B 128 -16.60 -17.61 10.81
CA SER B 128 -16.78 -19.00 11.23
C SER B 128 -18.05 -19.18 12.07
N ASP B 129 -18.60 -18.07 12.54
CA ASP B 129 -19.84 -18.08 13.30
C ASP B 129 -21.06 -17.80 12.45
N TYR B 130 -20.93 -17.88 11.13
CA TYR B 130 -22.04 -17.51 10.25
C TYR B 130 -22.69 -18.73 9.61
N PRO B 131 -24.03 -18.70 9.50
CA PRO B 131 -24.76 -19.80 8.84
C PRO B 131 -24.24 -20.09 7.44
N LYS B 132 -23.68 -21.27 7.26
CA LYS B 132 -23.11 -21.64 5.97
C LYS B 132 -24.14 -21.68 4.84
N ALA B 133 -25.42 -21.56 5.18
CA ALA B 133 -26.48 -21.50 4.19
C ALA B 133 -26.37 -20.18 3.39
N LEU B 134 -26.05 -19.11 4.10
CA LEU B 134 -25.82 -17.81 3.47
C LEU B 134 -24.34 -17.65 3.07
N PHE B 135 -23.44 -18.12 3.92
CA PHE B 135 -22.00 -18.02 3.68
C PHE B 135 -21.36 -19.39 3.42
N PRO B 136 -21.45 -19.89 2.17
CA PRO B 136 -20.86 -21.19 1.84
C PRO B 136 -19.36 -21.13 1.94
N PRO B 137 -18.74 -22.03 2.74
CA PRO B 137 -17.28 -22.01 2.87
C PRO B 137 -16.53 -22.16 1.54
N GLY B 138 -15.47 -21.40 1.39
CA GLY B 138 -14.71 -21.38 0.16
C GLY B 138 -15.33 -20.47 -0.88
N ARG B 139 -16.48 -19.90 -0.56
CA ARG B 139 -17.14 -18.96 -1.45
C ARG B 139 -17.70 -17.74 -0.71
N SER B 140 -17.04 -17.40 0.40
CA SER B 140 -17.50 -16.36 1.31
C SER B 140 -16.36 -15.51 1.84
N ALA B 141 -16.67 -14.29 2.27
CA ALA B 141 -15.66 -13.44 2.84
C ALA B 141 -16.26 -12.26 3.60
N ILE B 142 -15.48 -11.77 4.55
CA ILE B 142 -15.72 -10.50 5.20
C ILE B 142 -14.75 -9.46 4.62
N LEU B 143 -15.30 -8.36 4.13
CA LEU B 143 -14.46 -7.29 3.65
C LEU B 143 -14.52 -6.11 4.60
N ASN B 144 -13.46 -5.30 4.61
CA ASN B 144 -13.56 -3.98 5.20
C ASN B 144 -14.53 -3.13 4.34
N ASP B 145 -15.17 -2.13 4.92
CA ASP B 145 -16.06 -1.28 4.13
C ASP B 145 -15.44 -0.60 2.89
N LEU B 146 -14.21 -0.10 3.00
CA LEU B 146 -13.55 0.51 1.84
C LEU B 146 -13.00 -0.54 0.88
N GLU B 147 -12.71 -1.71 1.40
CA GLU B 147 -12.37 -2.86 0.55
C GLU B 147 -13.52 -3.14 -0.39
N ALA B 148 -14.73 -3.20 0.17
CA ALA B 148 -15.93 -3.36 -0.62
C ALA B 148 -16.13 -2.17 -1.58
N GLY B 149 -15.91 -0.97 -1.08
CA GLY B 149 -16.07 0.22 -1.89
C GLY B 149 -15.14 0.15 -3.09
N GLY B 150 -13.94 -0.39 -2.87
CA GLY B 150 -12.96 -0.49 -3.93
C GLY B 150 -13.46 -1.42 -5.02
N PHE B 151 -13.95 -2.57 -4.57
CA PHE B 151 -14.61 -3.52 -5.45
C PHE B 151 -15.77 -2.87 -6.19
N GLY B 152 -16.55 -2.05 -5.48
CA GLY B 152 -17.62 -1.29 -6.08
C GLY B 152 -17.09 -0.40 -7.20
N VAL B 153 -16.01 0.35 -6.92
CA VAL B 153 -15.47 1.28 -7.91
C VAL B 153 -15.04 0.56 -9.18
N LEU B 154 -14.47 -0.63 -9.02
CA LEU B 154 -14.14 -1.51 -10.16
C LEU B 154 -15.38 -1.85 -10.97
N ALA B 155 -16.45 -2.23 -10.29
CA ALA B 155 -17.67 -2.65 -10.95
C ALA B 155 -18.31 -1.51 -11.76
N VAL B 156 -18.30 -0.30 -11.19
CA VAL B 156 -18.82 0.86 -11.91
C VAL B 156 -18.03 1.09 -13.21
N SER B 157 -16.72 0.89 -13.16
CA SER B 157 -15.86 1.04 -14.34
C SER B 157 -16.14 0.02 -15.45
N ASP B 158 -16.26 -1.26 -15.07
CA ASP B 158 -16.52 -2.32 -16.03
C ASP B 158 -17.90 -2.19 -16.66
N ALA B 159 -18.86 -1.67 -15.91
CA ALA B 159 -20.19 -1.39 -16.42
C ALA B 159 -20.22 -0.24 -17.45
N HIS B 160 -19.08 0.38 -17.69
CA HIS B 160 -18.95 1.50 -18.64
C HIS B 160 -19.72 2.74 -18.22
N VAL B 161 -20.02 2.84 -16.94
CA VAL B 161 -20.86 3.92 -16.46
C VAL B 161 -20.09 4.81 -15.46
N PHE B 162 -18.77 4.83 -15.56
CA PHE B 162 -17.93 5.61 -14.64
C PHE B 162 -18.22 7.11 -14.65
N SER B 163 -18.33 7.69 -15.84
CA SER B 163 -18.52 9.15 -15.98
C SER B 163 -19.86 9.63 -15.44
N GLU B 164 -20.77 8.69 -15.22
CA GLU B 164 -22.09 8.98 -14.66
C GLU B 164 -22.03 9.19 -13.16
N TYR B 165 -21.16 8.44 -12.49
CA TYR B 165 -21.10 8.53 -11.03
C TYR B 165 -19.90 9.31 -10.49
N PHE B 166 -18.94 9.59 -11.34
CA PHE B 166 -17.75 10.31 -10.91
C PHE B 166 -17.42 11.49 -11.81
N GLY B 167 -17.05 12.61 -11.20
CA GLY B 167 -16.59 13.77 -11.92
C GLY B 167 -15.12 14.04 -11.68
N VAL B 168 -14.43 14.54 -12.70
CA VAL B 168 -13.04 14.96 -12.53
C VAL B 168 -12.91 16.27 -11.77
N MET B 169 -12.28 16.25 -10.60
CA MET B 169 -11.95 17.49 -9.89
C MET B 169 -10.81 18.22 -10.59
N TRP B 170 -9.70 17.53 -10.83
CA TRP B 170 -8.67 18.00 -11.74
C TRP B 170 -7.90 16.81 -12.27
N GLU B 171 -7.46 16.93 -13.51
CA GLU B 171 -6.74 15.84 -14.14
C GLU B 171 -5.27 16.04 -13.91
N GLY B 172 -4.59 14.93 -13.67
CA GLY B 172 -3.18 14.94 -13.36
C GLY B 172 -2.32 14.58 -14.54
N THR B 173 -1.04 14.74 -14.33
CA THR B 173 -0.03 14.71 -15.38
C THR B 173 0.15 13.35 -16.04
N GLN B 174 -0.03 12.29 -15.26
CA GLN B 174 0.25 10.95 -15.75
C GLN B 174 -0.89 10.41 -16.60
N TRP B 175 -2.08 11.00 -16.47
CA TRP B 175 -3.30 10.42 -17.07
C TRP B 175 -3.25 10.16 -18.58
N ARG B 176 -2.98 11.21 -19.36
CA ARG B 176 -2.93 11.06 -20.82
C ARG B 176 -1.74 10.20 -21.28
N THR B 177 -0.72 10.07 -20.44
CA THR B 177 0.36 9.14 -20.73
C THR B 177 -0.06 7.65 -20.61
N CYS B 178 -0.64 7.26 -19.48
CA CYS B 178 -1.07 5.87 -19.25
C CYS B 178 -2.36 5.50 -20.01
N GLU B 179 -3.29 6.45 -20.09
CA GLU B 179 -4.60 6.20 -20.69
C GLU B 179 -4.84 6.91 -22.02
N GLN B 180 -5.83 6.44 -22.76
CA GLN B 180 -6.19 7.10 -24.01
C GLN B 180 -7.59 7.69 -23.94
N GLU B 181 -8.42 7.06 -23.13
CA GLU B 181 -9.76 7.55 -22.89
C GLU B 181 -9.71 8.72 -21.92
N PRO B 182 -10.79 9.51 -21.86
CA PRO B 182 -10.71 10.71 -21.05
C PRO B 182 -10.76 10.44 -19.56
N ALA B 183 -10.11 11.30 -18.79
CA ALA B 183 -10.19 11.24 -17.34
C ALA B 183 -11.67 11.19 -16.95
N GLY B 184 -11.99 10.40 -15.93
CA GLY B 184 -13.33 10.32 -15.39
C GLY B 184 -14.25 9.35 -16.11
N SER B 185 -13.77 8.69 -17.15
CA SER B 185 -14.65 7.84 -17.95
C SER B 185 -14.37 6.37 -17.73
N VAL B 186 -13.18 6.10 -17.17
CA VAL B 186 -12.81 4.76 -16.74
C VAL B 186 -11.94 4.90 -15.51
N ILE B 187 -11.78 3.79 -14.80
CA ILE B 187 -10.91 3.76 -13.65
C ILE B 187 -9.46 4.04 -14.03
N GLY B 188 -9.03 3.48 -15.16
CA GLY B 188 -7.68 3.69 -15.62
C GLY B 188 -6.79 2.54 -15.21
N ARG B 189 -5.77 2.30 -16.02
CA ARG B 189 -4.84 1.22 -15.76
C ARG B 189 -3.72 1.75 -14.90
N GLY B 190 -4.01 1.92 -13.63
CA GLY B 190 -3.05 2.45 -12.70
C GLY B 190 -3.63 2.37 -11.32
N ARG B 191 -2.81 2.63 -10.32
CA ARG B 191 -3.29 2.64 -8.95
C ARG B 191 -4.37 3.72 -8.74
N CYS B 192 -5.40 3.34 -7.99
CA CYS B 192 -6.51 4.19 -7.66
C CYS B 192 -6.70 4.17 -6.16
N LEU B 193 -6.46 5.32 -5.53
CA LEU B 193 -6.65 5.45 -4.09
C LEU B 193 -8.05 5.95 -3.78
N VAL B 194 -8.80 5.14 -3.07
CA VAL B 194 -10.15 5.47 -2.68
C VAL B 194 -10.17 5.99 -1.25
N LEU B 195 -10.77 7.14 -1.08
CA LEU B 195 -10.85 7.77 0.24
C LEU B 195 -12.32 8.03 0.54
N ALA B 196 -12.76 7.67 1.75
CA ALA B 196 -14.14 7.88 2.18
C ALA B 196 -14.17 8.77 3.40
N PRO B 197 -14.06 10.09 3.19
CA PRO B 197 -14.04 11.02 4.33
C PRO B 197 -15.45 11.24 4.84
N GLY B 198 -15.82 10.47 5.85
CA GLY B 198 -17.17 10.52 6.35
C GLY B 198 -17.13 10.67 7.84
N THR B 199 -17.85 9.78 8.51
CA THR B 199 -17.79 9.72 9.96
C THR B 199 -16.40 9.25 10.31
N GLY B 200 -16.00 8.14 9.71
CA GLY B 200 -14.62 7.71 9.77
C GLY B 200 -13.91 8.15 8.51
N LEU B 201 -12.59 8.06 8.51
CA LEU B 201 -11.81 8.23 7.29
C LEU B 201 -11.49 6.86 6.73
N GLY B 202 -12.09 6.53 5.59
CA GLY B 202 -11.85 5.26 4.94
C GLY B 202 -10.80 5.40 3.85
N SER B 203 -10.05 4.33 3.64
CA SER B 203 -8.97 4.35 2.67
C SER B 203 -8.67 2.95 2.17
N SER B 204 -8.71 2.79 0.85
CA SER B 204 -8.25 1.58 0.20
C SER B 204 -7.51 1.92 -1.11
N LEU B 205 -6.62 1.01 -1.52
CA LEU B 205 -5.83 1.23 -2.71
C LEU B 205 -6.17 0.14 -3.69
N ILE B 206 -6.72 0.52 -4.83
CA ILE B 206 -6.97 -0.43 -5.91
C ILE B 206 -5.71 -0.52 -6.73
N TYR B 207 -4.90 -1.52 -6.41
CA TYR B 207 -3.62 -1.71 -7.05
C TYR B 207 -3.76 -2.30 -8.44
N TYR B 208 -2.84 -1.90 -9.32
CA TYR B 208 -2.80 -2.37 -10.68
C TYR B 208 -1.49 -3.07 -10.99
N ASN B 209 -1.59 -4.35 -11.31
CA ASN B 209 -0.45 -5.17 -11.72
C ASN B 209 -0.16 -5.01 -13.23
N PRO B 210 0.88 -4.23 -13.56
CA PRO B 210 1.07 -3.81 -14.96
C PRO B 210 1.43 -4.95 -15.89
N MET B 211 1.64 -6.15 -15.36
CA MET B 211 2.07 -7.26 -16.21
C MET B 211 1.06 -8.40 -16.28
N ASN B 212 -0.14 -8.17 -15.78
CA ASN B 212 -1.26 -9.06 -16.07
C ASN B 212 -2.52 -8.23 -16.32
N GLN B 213 -2.32 -6.91 -16.38
CA GLN B 213 -3.37 -5.91 -16.65
C GLN B 213 -4.51 -5.90 -15.64
N GLN B 214 -4.27 -6.40 -14.44
CA GLN B 214 -5.35 -6.66 -13.48
C GLN B 214 -5.33 -5.76 -12.22
N HIS B 215 -6.54 -5.44 -11.73
CA HIS B 215 -6.73 -4.66 -10.51
C HIS B 215 -6.96 -5.52 -9.28
N ILE B 216 -6.33 -5.14 -8.17
CA ILE B 216 -6.45 -5.85 -6.90
C ILE B 216 -6.73 -4.88 -5.76
N VAL B 217 -7.74 -5.14 -4.94
CA VAL B 217 -8.11 -4.21 -3.88
C VAL B 217 -7.36 -4.43 -2.58
N VAL B 218 -6.58 -3.44 -2.17
CA VAL B 218 -5.76 -3.54 -0.95
C VAL B 218 -6.27 -2.61 0.15
N PRO B 219 -6.84 -3.19 1.23
CA PRO B 219 -7.36 -2.38 2.33
C PRO B 219 -6.27 -1.62 3.07
N LEU B 220 -6.58 -0.41 3.52
CA LEU B 220 -5.58 0.41 4.21
C LEU B 220 -6.16 1.06 5.48
N GLU B 221 -5.30 1.50 6.38
CA GLU B 221 -5.76 2.31 7.51
C GLU B 221 -4.97 3.63 7.58
N LEU B 222 -5.02 4.38 6.48
CA LEU B 222 -4.31 5.64 6.32
C LEU B 222 -4.76 6.67 7.36
N GLY B 223 -6.02 6.56 7.76
CA GLY B 223 -6.61 7.50 8.68
C GLY B 223 -5.96 7.53 10.05
N SER B 224 -5.27 6.45 10.42
CA SER B 224 -4.66 6.34 11.75
C SER B 224 -3.16 6.67 11.78
N GLN B 225 -2.63 7.13 10.66
CA GLN B 225 -1.24 7.59 10.65
C GLN B 225 -1.15 8.92 11.36
N THR B 226 -0.09 9.12 12.11
CA THR B 226 0.18 10.41 12.73
C THR B 226 0.37 11.48 11.65
N ILE B 227 -0.32 12.60 11.79
CA ILE B 227 -0.23 13.68 10.81
C ILE B 227 1.15 14.32 10.78
N PRO B 228 1.80 14.36 9.61
CA PRO B 228 3.04 15.13 9.52
C PRO B 228 2.70 16.63 9.38
N MET B 229 3.62 17.47 9.85
CA MET B 229 3.40 18.91 9.91
C MET B 229 3.44 19.64 8.55
N ARG B 230 2.81 20.80 8.49
CA ARG B 230 3.19 21.78 7.49
C ARG B 230 3.67 23.02 8.25
N LYS B 231 2.85 24.04 8.28
CA LYS B 231 3.16 25.26 9.01
C LYS B 231 2.11 25.41 10.09
N ASP B 232 1.69 24.27 10.61
CA ASP B 232 0.48 24.20 11.42
C ASP B 232 0.76 23.62 12.81
N ILE B 233 2.02 23.69 13.22
CA ILE B 233 2.45 23.23 14.53
C ILE B 233 1.49 23.64 15.67
N ASP B 234 1.08 24.90 15.72
CA ASP B 234 0.15 25.33 16.77
C ASP B 234 -1.21 24.67 16.70
N TYR B 235 -1.77 24.61 15.51
CA TYR B 235 -3.09 24.00 15.32
C TYR B 235 -3.04 22.56 15.79
N ILE B 236 -1.98 21.86 15.39
CA ILE B 236 -1.82 20.47 15.77
C ILE B 236 -1.65 20.31 17.28
N GLN B 237 -0.86 21.19 17.90
CA GLN B 237 -0.65 21.16 19.35
C GLN B 237 -1.99 21.36 20.07
N THR B 238 -2.83 22.22 19.51
CA THR B 238 -4.14 22.50 20.11
C THR B 238 -4.99 21.27 20.23
N LEU B 239 -5.29 20.65 19.08
CA LEU B 239 -6.00 19.38 19.04
C LEU B 239 -5.30 18.33 19.89
N HIS B 240 -3.97 18.30 19.81
CA HIS B 240 -3.18 17.36 20.58
C HIS B 240 -3.58 17.46 22.07
N ALA B 241 -3.55 18.68 22.60
CA ALA B 241 -3.91 18.93 24.00
C ALA B 241 -5.36 18.54 24.32
N GLU B 242 -6.28 18.83 23.39
CA GLU B 242 -7.68 18.42 23.54
C GLU B 242 -7.86 16.91 23.59
N LEU B 243 -7.03 16.18 22.85
CA LEU B 243 -7.21 14.74 22.73
C LEU B 243 -6.36 13.99 23.73
N LYS B 244 -5.25 14.60 24.12
CA LYS B 244 -4.21 13.91 24.89
C LYS B 244 -3.71 12.73 24.06
N LEU B 245 -3.64 12.95 22.76
CA LEU B 245 -3.17 11.98 21.78
C LEU B 245 -2.52 12.76 20.65
N LEU B 246 -1.35 12.30 20.18
CA LEU B 246 -0.83 12.79 18.91
C LEU B 246 -1.91 12.66 17.84
N PRO B 247 -2.29 13.77 17.21
CA PRO B 247 -3.37 13.68 16.21
C PRO B 247 -3.01 12.81 14.99
N ASN B 248 -3.98 12.03 14.54
CA ASN B 248 -3.86 11.31 13.30
C ASN B 248 -4.80 11.97 12.31
N TYR B 249 -4.72 11.58 11.03
CA TYR B 249 -5.51 12.23 9.99
C TYR B 249 -7.01 12.18 10.25
N GLU B 250 -7.49 11.08 10.83
CA GLU B 250 -8.92 10.95 11.10
C GLU B 250 -9.36 11.93 12.20
N ASN B 251 -8.47 12.21 13.14
CA ASN B 251 -8.73 13.29 14.09
C ASN B 251 -9.06 14.62 13.39
N MET B 252 -8.29 15.00 12.36
CA MET B 252 -8.58 16.21 11.61
C MET B 252 -9.67 16.03 10.55
N VAL B 253 -9.79 14.81 10.02
CA VAL B 253 -10.72 14.55 8.93
C VAL B 253 -11.77 13.53 9.35
N SER B 254 -12.89 14.04 9.85
CA SER B 254 -13.99 13.24 10.38
C SER B 254 -15.05 14.21 10.87
N GLY B 255 -16.19 13.69 11.30
CA GLY B 255 -17.19 14.52 11.97
C GLY B 255 -16.59 15.25 13.17
N ALA B 256 -15.90 14.51 14.03
CA ALA B 256 -15.25 15.11 15.20
C ALA B 256 -14.24 16.17 14.79
N GLY B 257 -13.50 15.91 13.73
CA GLY B 257 -12.55 16.88 13.23
C GLY B 257 -13.23 18.14 12.69
N LEU B 258 -14.37 17.99 12.04
CA LEU B 258 -15.05 19.13 11.46
C LEU B 258 -15.61 20.01 12.56
N GLU B 259 -16.16 19.40 13.60
CA GLU B 259 -16.60 20.14 14.76
C GLU B 259 -15.45 20.91 15.38
N PHE B 260 -14.34 20.24 15.58
CA PHE B 260 -13.15 20.88 16.12
C PHE B 260 -12.73 22.10 15.30
N HIS B 261 -12.74 21.97 13.97
CA HIS B 261 -12.37 23.09 13.11
C HIS B 261 -13.34 24.25 13.31
N TYR B 262 -14.60 23.92 13.56
CA TYR B 262 -15.65 24.93 13.74
C TYR B 262 -15.52 25.64 15.08
N ARG B 263 -14.99 24.94 16.08
CA ARG B 263 -14.78 25.57 17.37
C ARG B 263 -13.58 26.50 17.35
N GLN B 264 -12.56 26.15 16.60
CA GLN B 264 -11.38 27.00 16.51
C GLN B 264 -11.66 28.24 15.68
N VAL B 265 -12.73 28.19 14.89
CA VAL B 265 -13.14 29.32 14.06
C VAL B 265 -13.87 30.36 14.90
N VAL B 266 -14.86 29.89 15.67
CA VAL B 266 -15.73 30.79 16.42
C VAL B 266 -15.22 31.17 17.82
N ARG B 267 -14.34 30.37 18.40
CA ARG B 267 -13.74 30.66 19.71
C ARG B 267 -14.73 30.86 20.86
N GLY B 268 -15.98 30.53 20.63
CA GLY B 268 -16.98 30.63 21.67
C GLY B 268 -18.08 31.60 21.32
N SER B 269 -17.88 32.34 20.23
CA SER B 269 -18.81 33.37 19.80
C SER B 269 -20.15 32.79 19.38
N ARG B 270 -20.15 31.54 18.95
CA ARG B 270 -21.38 30.86 18.53
C ARG B 270 -21.41 29.45 19.11
N PRO B 271 -22.61 28.87 19.28
CA PRO B 271 -22.72 27.55 19.92
C PRO B 271 -22.08 26.44 19.09
N PRO B 272 -21.49 25.43 19.75
CA PRO B 272 -21.01 24.24 19.05
C PRO B 272 -22.16 23.49 18.38
N CYS B 273 -21.86 22.77 17.30
CA CYS B 273 -22.89 21.98 16.62
C CYS B 273 -22.28 20.80 15.87
N SER B 274 -23.11 19.81 15.53
CA SER B 274 -22.66 18.59 14.88
C SER B 274 -22.13 18.87 13.48
N ALA B 275 -21.21 18.02 13.00
CA ALA B 275 -20.65 18.16 11.66
C ALA B 275 -21.75 18.25 10.61
N GLY B 276 -22.75 17.39 10.76
CA GLY B 276 -23.89 17.35 9.85
C GLY B 276 -24.58 18.70 9.73
N GLU B 277 -24.71 19.39 10.86
CA GLU B 277 -25.29 20.73 10.88
C GLU B 277 -24.29 21.81 10.44
N ILE B 278 -23.00 21.53 10.61
CA ILE B 278 -21.97 22.42 10.10
C ILE B 278 -21.97 22.40 8.58
N ALA B 279 -22.05 21.21 7.99
CA ALA B 279 -22.11 21.08 6.53
C ALA B 279 -23.33 21.79 5.94
N LYS B 280 -24.49 21.59 6.58
CA LYS B 280 -25.73 22.27 6.21
C LYS B 280 -25.53 23.80 6.26
N LEU B 281 -24.91 24.26 7.35
CA LEU B 281 -24.61 25.69 7.52
C LEU B 281 -23.71 26.25 6.43
N ALA B 282 -22.82 25.41 5.91
CA ALA B 282 -21.90 25.86 4.86
C ALA B 282 -22.62 25.92 3.52
N SER B 283 -23.53 24.97 3.28
CA SER B 283 -24.34 24.94 2.06
C SER B 283 -25.15 26.23 1.92
N GLU B 284 -25.63 26.74 3.06
CA GLU B 284 -26.40 27.97 3.10
C GLU B 284 -25.50 29.21 3.03
N GLY B 285 -24.22 29.06 3.36
CA GLY B 285 -23.26 30.13 3.18
C GLY B 285 -22.74 30.80 4.45
N ASP B 286 -22.85 30.13 5.59
CA ASP B 286 -22.26 30.67 6.82
C ASP B 286 -20.75 30.74 6.63
N ALA B 287 -20.16 31.88 6.98
CA ALA B 287 -18.73 32.09 6.84
C ALA B 287 -17.93 31.18 7.76
N ASN B 288 -18.41 31.00 8.98
CA ASN B 288 -17.75 30.14 9.94
C ASN B 288 -17.74 28.71 9.44
N ALA B 289 -18.90 28.24 8.97
CA ALA B 289 -19.05 26.89 8.47
C ALA B 289 -18.17 26.65 7.24
N CYS B 290 -18.20 27.58 6.30
CA CYS B 290 -17.34 27.49 5.12
C CYS B 290 -15.85 27.52 5.48
N LYS B 291 -15.50 28.15 6.59
CA LYS B 291 -14.09 28.21 7.01
C LYS B 291 -13.68 26.90 7.67
N ALA B 292 -14.60 26.27 8.38
CA ALA B 292 -14.37 24.96 8.96
C ALA B 292 -14.20 23.92 7.85
N MET B 293 -15.15 23.91 6.92
CA MET B 293 -15.13 23.01 5.79
C MET B 293 -13.80 23.06 5.04
N LYS B 294 -13.18 24.24 4.98
CA LYS B 294 -11.91 24.40 4.28
C LYS B 294 -10.73 23.83 5.06
N LYS B 295 -10.80 23.95 6.39
CA LYS B 295 -9.74 23.43 7.23
C LYS B 295 -9.74 21.92 7.18
N TYR B 296 -10.93 21.35 7.29
CA TYR B 296 -11.16 19.91 7.17
C TYR B 296 -10.54 19.42 5.87
N HIS B 297 -10.77 20.15 4.78
CA HIS B 297 -10.29 19.71 3.48
C HIS B 297 -8.80 19.90 3.32
N GLU B 298 -8.24 20.81 4.08
CA GLU B 298 -6.80 21.03 4.06
C GLU B 298 -6.06 19.79 4.57
N TYR B 299 -6.65 19.12 5.55
CA TYR B 299 -6.06 17.90 6.08
C TYR B 299 -6.43 16.67 5.24
N LEU B 300 -7.57 16.73 4.55
CA LEU B 300 -7.92 15.64 3.64
C LEU B 300 -6.92 15.64 2.50
N MET B 301 -6.56 16.82 2.03
CA MET B 301 -5.61 16.92 0.92
C MET B 301 -4.22 16.47 1.35
N ARG B 302 -3.91 16.62 2.63
CA ARG B 302 -2.63 16.17 3.13
C ARG B 302 -2.48 14.64 3.10
N VAL B 303 -3.54 13.92 3.47
CA VAL B 303 -3.57 12.47 3.27
C VAL B 303 -3.25 12.13 1.84
N GLY B 304 -3.92 12.82 0.92
CA GLY B 304 -3.65 12.70 -0.51
C GLY B 304 -2.21 13.00 -0.88
N SER B 305 -1.70 14.15 -0.47
CA SER B 305 -0.33 14.51 -0.84
C SER B 305 0.67 13.48 -0.32
N GLU B 306 0.52 13.07 0.94
CA GLU B 306 1.41 12.08 1.51
C GLU B 306 1.25 10.66 0.88
N ALA B 307 0.01 10.19 0.78
CA ALA B 307 -0.28 8.92 0.07
C ALA B 307 0.12 8.92 -1.42
N SER B 308 0.04 10.08 -2.07
CA SER B 308 0.39 10.19 -3.50
C SER B 308 1.83 9.79 -3.68
N MET B 309 2.66 10.27 -2.76
CA MET B 309 4.05 9.89 -2.78
C MET B 309 4.25 8.43 -2.35
N ALA B 310 3.71 8.06 -1.20
CA ALA B 310 3.89 6.73 -0.62
C ALA B 310 3.33 5.60 -1.48
N LEU B 311 2.16 5.83 -2.11
CA LEU B 311 1.46 4.77 -2.84
C LEU B 311 1.42 4.94 -4.36
N LEU B 312 1.96 6.05 -4.85
CA LEU B 312 2.04 6.29 -6.28
C LEU B 312 0.76 6.01 -7.04
N PRO B 313 -0.36 6.67 -6.67
CA PRO B 313 -1.59 6.38 -7.42
C PRO B 313 -1.69 7.17 -8.72
N LEU B 314 -2.44 6.63 -9.68
CA LEU B 314 -2.80 7.34 -10.90
C LEU B 314 -4.02 8.19 -10.57
N THR B 315 -4.93 7.63 -9.76
CA THR B 315 -6.12 8.37 -9.35
C THR B 315 -6.35 8.36 -7.85
N ILE B 316 -7.01 9.42 -7.38
CA ILE B 316 -7.53 9.48 -6.04
C ILE B 316 -9.01 9.82 -6.18
N VAL B 317 -9.86 8.96 -5.64
CA VAL B 317 -11.31 9.15 -5.70
C VAL B 317 -11.90 9.32 -4.31
N LEU B 318 -12.63 10.42 -4.12
CA LEU B 318 -13.39 10.67 -2.91
C LEU B 318 -14.79 10.07 -3.09
N VAL B 319 -15.25 9.31 -2.11
CA VAL B 319 -16.51 8.57 -2.26
C VAL B 319 -17.43 8.66 -1.03
N GLY B 320 -18.72 8.40 -1.23
CA GLY B 320 -19.66 8.36 -0.13
C GLY B 320 -20.82 9.30 -0.35
N ASP B 321 -21.88 9.11 0.44
CA ASP B 321 -23.06 9.95 0.34
C ASP B 321 -22.71 11.38 0.72
N ASN B 322 -21.94 11.51 1.80
CA ASN B 322 -21.25 12.73 2.17
C ASN B 322 -20.83 13.57 0.95
N ILE B 323 -19.93 13.03 0.15
CA ILE B 323 -19.33 13.76 -0.96
C ILE B 323 -20.33 14.19 -2.05
N VAL B 324 -21.34 13.36 -2.28
CA VAL B 324 -22.39 13.72 -3.22
C VAL B 324 -23.22 14.87 -2.64
N ASN B 325 -23.53 14.77 -1.35
CA ASN B 325 -24.41 15.73 -0.69
C ASN B 325 -23.78 17.10 -0.55
N ASN B 326 -22.50 17.12 -0.18
CA ASN B 326 -21.77 18.35 -0.08
C ASN B 326 -21.07 18.65 -1.41
N ALA B 327 -21.78 18.38 -2.51
CA ALA B 327 -21.23 18.62 -3.84
C ALA B 327 -20.91 20.10 -4.01
N PHE B 328 -21.75 20.95 -3.40
CA PHE B 328 -21.63 22.40 -3.53
C PHE B 328 -20.20 22.88 -3.29
N PHE B 329 -19.58 22.30 -2.27
CA PHE B 329 -18.22 22.64 -1.91
C PHE B 329 -17.25 22.34 -3.05
N TYR B 330 -17.48 21.26 -3.77
CA TYR B 330 -16.55 20.86 -4.82
C TYR B 330 -16.80 21.56 -6.17
N ARG B 331 -18.01 22.08 -6.38
CA ARG B 331 -18.31 22.78 -7.62
C ARG B 331 -17.74 24.19 -7.60
N ASN B 332 -17.71 24.80 -6.42
CA ASN B 332 -17.09 26.10 -6.24
C ASN B 332 -15.62 26.08 -6.71
N PRO B 333 -15.32 26.79 -7.81
CA PRO B 333 -13.97 26.75 -8.40
C PRO B 333 -12.90 27.29 -7.45
N GLN B 334 -13.32 28.10 -6.49
CA GLN B 334 -12.44 28.70 -5.49
C GLN B 334 -11.94 27.67 -4.47
N ASN B 335 -12.85 26.86 -3.93
CA ASN B 335 -12.45 25.79 -3.04
C ASN B 335 -11.59 24.78 -3.77
N LEU B 336 -11.91 24.56 -5.03
CA LEU B 336 -11.19 23.58 -5.84
C LEU B 336 -9.72 23.97 -6.02
N LYS B 337 -9.49 25.24 -6.30
CA LYS B 337 -8.14 25.71 -6.59
C LYS B 337 -7.33 25.68 -5.28
N GLU B 338 -8.02 25.83 -4.16
CA GLU B 338 -7.40 25.74 -2.83
C GLU B 338 -7.10 24.28 -2.41
N MET B 339 -8.03 23.37 -2.66
CA MET B 339 -7.78 21.97 -2.40
C MET B 339 -6.62 21.49 -3.27
N HIS B 340 -6.64 21.92 -4.53
CA HIS B 340 -5.58 21.58 -5.48
C HIS B 340 -4.25 22.12 -5.00
N ARG B 341 -4.25 23.33 -4.46
CA ARG B 341 -3.02 23.88 -3.91
C ARG B 341 -2.55 23.05 -2.71
N GLU B 342 -3.46 22.68 -1.83
CA GLU B 342 -3.07 21.86 -0.70
C GLU B 342 -2.56 20.46 -1.13
N ALA B 343 -3.18 19.87 -2.15
CA ALA B 343 -2.76 18.58 -2.67
C ALA B 343 -1.33 18.60 -3.22
N LEU B 344 -0.87 19.76 -3.68
CA LEU B 344 0.48 19.89 -4.21
C LEU B 344 1.44 20.42 -3.16
N ASN B 345 0.94 20.63 -1.95
CA ASN B 345 1.77 21.13 -0.86
C ASN B 345 2.64 20.02 -0.25
N HIS B 346 3.74 19.70 -0.93
CA HIS B 346 4.57 18.58 -0.56
C HIS B 346 5.93 18.82 -1.15
N GLU B 347 6.99 18.48 -0.41
CA GLU B 347 8.34 18.72 -0.89
C GLU B 347 8.60 17.99 -2.19
N MET B 348 8.01 16.79 -2.31
CA MET B 348 8.22 15.95 -3.49
C MET B 348 7.57 16.53 -4.76
N GLU B 349 6.78 17.57 -4.60
CA GLU B 349 6.15 18.21 -5.76
C GLU B 349 7.17 18.91 -6.66
N ARG B 350 8.38 19.10 -6.17
CA ARG B 350 9.39 19.71 -7.00
C ARG B 350 9.79 18.75 -8.13
N PHE B 351 9.37 17.50 -8.02
CA PHE B 351 9.58 16.53 -9.10
C PHE B 351 8.25 16.17 -9.77
N GLY B 352 7.21 16.94 -9.46
CA GLY B 352 5.89 16.74 -10.01
C GLY B 352 5.07 15.56 -9.52
N PHE B 353 5.45 14.94 -8.40
CA PHE B 353 4.77 13.75 -7.93
C PHE B 353 3.33 13.94 -7.48
N GLN B 354 3.01 15.09 -6.91
CA GLN B 354 1.64 15.29 -6.49
C GLN B 354 0.77 15.69 -7.71
N SER B 355 1.36 16.41 -8.64
CA SER B 355 0.70 16.82 -9.89
C SER B 355 0.37 15.66 -10.80
N ARG B 356 1.08 14.54 -10.63
CA ARG B 356 0.85 13.35 -11.43
C ARG B 356 -0.58 12.91 -11.30
N VAL B 357 -1.12 13.00 -10.08
CA VAL B 357 -2.32 12.27 -9.70
C VAL B 357 -3.63 12.97 -10.09
N THR B 358 -4.56 12.22 -10.66
CA THR B 358 -5.86 12.78 -11.00
C THR B 358 -6.85 12.59 -9.87
N TYR B 359 -7.55 13.67 -9.52
CA TYR B 359 -8.50 13.63 -8.41
C TYR B 359 -9.93 13.60 -8.95
N LEU B 360 -10.75 12.72 -8.40
CA LEU B 360 -12.14 12.62 -8.81
C LEU B 360 -13.04 12.57 -7.58
N ARG B 361 -14.30 12.94 -7.77
CA ARG B 361 -15.27 12.80 -6.70
C ARG B 361 -16.49 12.00 -7.18
N GLN B 362 -17.15 11.34 -6.24
CA GLN B 362 -18.46 10.74 -6.49
C GLN B 362 -19.44 11.90 -6.63
N LYS B 363 -20.18 11.94 -7.73
CA LYS B 363 -21.11 13.03 -7.94
C LYS B 363 -22.57 12.56 -7.90
N LYS B 364 -22.78 11.25 -7.94
CA LYS B 364 -24.12 10.66 -7.96
C LYS B 364 -24.21 9.57 -6.90
N LEU B 365 -25.36 9.46 -6.23
CA LEU B 365 -25.54 8.43 -5.19
C LEU B 365 -25.44 7.00 -5.73
N LEU B 366 -24.89 6.11 -4.92
CA LEU B 366 -24.65 4.74 -5.32
C LEU B 366 -24.15 3.92 -4.14
N ASN B 367 -24.61 2.68 -4.02
CA ASN B 367 -24.08 1.82 -2.97
C ASN B 367 -22.91 0.99 -3.46
N LEU B 368 -21.74 1.65 -3.51
CA LEU B 368 -20.47 1.03 -3.83
C LEU B 368 -20.26 -0.26 -3.04
N ASN B 369 -20.55 -0.23 -1.75
CA ASN B 369 -20.25 -1.37 -0.90
C ASN B 369 -21.06 -2.61 -1.23
N LEU B 370 -22.36 -2.42 -1.46
CA LEU B 370 -23.24 -3.53 -1.79
C LEU B 370 -22.79 -4.15 -3.08
N MET B 371 -22.49 -3.31 -4.07
CA MET B 371 -22.07 -3.81 -5.35
C MET B 371 -20.63 -4.32 -5.32
N GLY B 372 -19.86 -3.83 -4.34
CA GLY B 372 -18.55 -4.38 -4.02
C GLY B 372 -18.63 -5.82 -3.49
N CYS B 373 -19.53 -6.06 -2.55
CA CYS B 373 -19.76 -7.43 -2.07
C CYS B 373 -20.08 -8.43 -3.20
N TYR B 374 -20.89 -7.99 -4.14
CA TYR B 374 -21.32 -8.89 -5.20
C TYR B 374 -20.12 -9.21 -6.09
N ARG B 375 -19.43 -8.15 -6.48
CA ARG B 375 -18.18 -8.20 -7.26
C ARG B 375 -17.17 -9.15 -6.66
N CYS B 376 -16.93 -9.00 -5.37
CA CYS B 376 -16.02 -9.89 -4.68
C CYS B 376 -16.54 -11.33 -4.77
N GLY B 377 -17.84 -11.49 -4.57
CA GLY B 377 -18.49 -12.77 -4.67
C GLY B 377 -18.21 -13.45 -6.00
N LEU B 378 -18.18 -12.69 -7.09
CA LEU B 378 -17.96 -13.27 -8.41
C LEU B 378 -16.56 -13.83 -8.54
N ASP B 379 -15.58 -13.16 -7.93
CA ASP B 379 -14.18 -13.60 -7.91
C ASP B 379 -14.01 -14.87 -7.10
N LEU B 380 -14.95 -15.11 -6.19
CA LEU B 380 -14.89 -16.23 -5.26
C LEU B 380 -15.57 -17.48 -5.81
N SER B 381 -16.29 -17.31 -6.92
CA SER B 381 -16.90 -18.41 -7.64
C SER B 381 -16.08 -18.80 -8.87
C3 BG8 C . 13.59 4.24 -4.36
C2 BG8 C . 14.38 5.56 -4.31
C1 BG8 C . 15.12 5.74 -2.99
O5 BG8 C . 16.04 4.67 -2.93
C5 BG8 C . 15.33 3.39 -2.80
C4 BG8 C . 14.45 3.10 -4.01
N2 BG8 C . 13.43 6.64 -4.50
O4 BG8 C . 13.57 1.96 -3.70
O3 BG8 C . 13.04 4.08 -5.68
C6 BG8 C . 16.35 2.29 -2.58
O1 BG8 C . 15.82 6.91 -3.06
O6 BG8 C . 17.19 2.18 -3.71
C13 BG8 C . 13.69 7.57 -5.43
O15 BG8 C . 14.69 7.53 -6.11
C14 BG8 C . 11.66 8.85 -4.73
C16 BG8 C . 12.66 8.65 -5.67
C17 BG8 C . 12.68 9.38 -6.84
C18 BG8 C . 11.73 10.34 -7.07
C19 BG8 C . 10.75 10.56 -6.12
C20 BG8 C . 10.71 9.82 -4.95
C3 BG8 D . -11.88 2.02 8.86
C2 BG8 D . -12.13 2.56 10.25
C1 BG8 D . -12.27 4.10 10.16
O5 BG8 D . -13.44 4.35 9.37
C5 BG8 D . -13.32 3.84 8.01
C4 BG8 D . -13.02 2.33 7.98
N2 BG8 D . -11.01 2.18 11.06
O4 BG8 D . -12.66 1.92 6.62
O3 BG8 D . -11.58 0.61 8.90
C6 BG8 D . -14.61 4.19 7.29
O1 BG8 D . -12.44 4.68 11.40
O6 BG8 D . -15.69 3.54 7.94
C13 BG8 D . -11.16 1.73 12.30
O15 BG8 D . -12.25 1.63 12.80
C14 BG8 D . -8.68 1.64 12.56
C16 BG8 D . -9.93 1.30 13.05
C17 BG8 D . -10.05 0.55 14.20
C18 BG8 D . -8.90 0.14 14.87
C19 BG8 D . -7.65 0.48 14.37
C20 BG8 D . -7.53 1.23 13.22
#